data_8W9H
#
_entry.id   8W9H
#
_cell.length_a   110.440
_cell.length_b   110.440
_cell.length_c   76.242
_cell.angle_alpha   90.000
_cell.angle_beta   90.000
_cell.angle_gamma   90.000
#
_symmetry.space_group_name_H-M   'P 41'
#
loop_
_entity.id
_entity.type
_entity.pdbx_description
1 polymer 'anti-human CLEC12A antibody 50C1 Fab Light chain'
2 polymer 'anti-human CLEC12A antibody 50C1 Fab Heavy chain'
3 non-polymer 'SULFATE ION'
4 non-polymer 1,2-ETHANEDIOL
5 water water
#
loop_
_entity_poly.entity_id
_entity_poly.type
_entity_poly.pdbx_seq_one_letter_code
_entity_poly.pdbx_strand_id
1 'polypeptide(L)'
;DIVLTQSPGSLAMSLGQRATISCKASQSVDYDGDSYMNWYQQKPGQPPKLLIFAASNLESGIPARFSGSGSGTDFTLNIH
PVEEEDAATYYCQQSNEDPYTFGGGTKLEIKRADAAPTVSIFPPSSEQLTSGGASVVCFLNNFYPKDINVKWKIDGSERQ
NGVLNSWTDQDSKDSTYSMSSTLTLTKDEYERHNSYTCEATHKTSTSPIVKSFNRN
;
L,A
2 'polypeptide(L)'
;PVQLQQSGPELVKPGASVRISCKASGYTFTRYNIHWVKQRPGQGLEWIGWIYPGDGNTFYNEKFKGKATLTADKSSSTAY
MQLSSLTSEDSAVYFCTRSYSESGQGHAMDYWGQGTSVTVSSAKTTAPSVYPLAPVCGDTTGSSVTLGCLVKGYFPEPVT
LTWNSGSLSSGVHTFPAVLQSDLYTLSSSVTVTSSTWPSQSITCNVAHPASSTKVDKKIEPRG
;
H,B
#
loop_
_chem_comp.id
_chem_comp.type
_chem_comp.name
_chem_comp.formula
EDO non-polymer 1,2-ETHANEDIOL 'C2 H6 O2'
SO4 non-polymer 'SULFATE ION' 'O4 S -2'
#
# COMPACT_ATOMS: atom_id res chain seq x y z
N ASP A 1 2.01 -7.73 28.29
CA ASP A 1 3.11 -6.91 27.82
C ASP A 1 3.03 -5.50 28.41
N ILE A 2 4.16 -5.00 28.91
CA ILE A 2 4.21 -3.65 29.44
C ILE A 2 4.17 -2.67 28.27
N VAL A 3 3.18 -1.78 28.29
CA VAL A 3 3.00 -0.79 27.23
C VAL A 3 3.58 0.54 27.71
N LEU A 4 4.46 1.12 26.89
CA LEU A 4 5.10 2.39 27.19
C LEU A 4 4.49 3.46 26.30
N THR A 5 3.97 4.51 26.90
CA THR A 5 3.36 5.62 26.18
C THR A 5 4.22 6.86 26.38
N GLN A 6 4.75 7.40 25.28
CA GLN A 6 5.56 8.60 25.32
C GLN A 6 4.70 9.82 25.03
N SER A 7 5.09 10.96 25.62
CA SER A 7 4.39 12.21 25.42
C SER A 7 5.40 13.34 25.58
N PRO A 8 5.41 14.32 24.66
CA PRO A 8 4.60 14.40 23.44
C PRO A 8 5.14 13.48 22.35
N GLY A 9 4.37 13.21 21.29
CA GLY A 9 4.90 12.48 20.16
C GLY A 9 5.87 13.30 19.34
N SER A 10 5.64 14.60 19.26
CA SER A 10 6.50 15.52 18.53
C SER A 10 6.79 16.73 19.42
N LEU A 11 8.02 17.23 19.34
CA LEU A 11 8.44 18.32 20.21
C LEU A 11 9.45 19.20 19.46
N ALA A 12 9.26 20.50 19.54
CA ALA A 12 10.20 21.47 19.01
C ALA A 12 10.68 22.37 20.15
N MET A 13 11.99 22.47 20.32
CA MET A 13 12.57 23.32 21.34
C MET A 13 13.68 24.18 20.74
N SER A 14 13.74 25.43 21.18
CA SER A 14 14.73 26.36 20.68
C SER A 14 16.13 25.96 21.17
N LEU A 15 17.14 26.40 20.43
CA LEU A 15 18.52 26.13 20.77
C LEU A 15 18.82 26.60 22.19
N GLY A 16 19.44 25.71 22.97
CA GLY A 16 19.85 26.03 24.32
C GLY A 16 18.78 25.88 25.38
N GLN A 17 17.56 25.50 25.00
CA GLN A 17 16.47 25.35 25.94
C GLN A 17 16.49 23.94 26.53
N ARG A 18 15.45 23.58 27.27
CA ARG A 18 15.32 22.26 27.87
C ARG A 18 14.18 21.51 27.20
N ALA A 19 14.47 20.29 26.74
CA ALA A 19 13.46 19.40 26.21
C ALA A 19 13.14 18.34 27.26
N THR A 20 11.85 18.07 27.45
CA THR A 20 11.40 17.09 28.43
C THR A 20 10.46 16.10 27.74
N ILE A 21 10.80 14.82 27.86
CA ILE A 21 10.04 13.73 27.25
C ILE A 21 9.56 12.80 28.35
N SER A 22 8.28 12.47 28.34
CA SER A 22 7.68 11.64 29.37
C SER A 22 7.38 10.24 28.82
N CYS A 23 7.48 9.25 29.69
CA CYS A 23 7.19 7.86 29.35
C CYS A 23 6.36 7.25 30.47
N LYS A 24 5.15 6.81 30.13
CA LYS A 24 4.24 6.20 31.10
C LYS A 24 4.09 4.72 30.79
N ALA A 25 4.30 3.88 31.80
CA ALA A 25 4.25 2.44 31.64
C ALA A 25 2.93 1.90 32.19
N SER A 26 2.35 0.94 31.46
CA SER A 26 1.10 0.33 31.90
C SER A 26 1.26 -0.44 33.21
N GLN A 27 2.42 -1.06 33.40
CA GLN A 27 2.77 -1.71 34.66
C GLN A 27 4.13 -1.19 35.10
N SER A 28 4.42 -1.37 36.39
CA SER A 28 5.70 -0.92 36.92
C SER A 28 6.85 -1.65 36.22
N VAL A 29 7.90 -0.89 35.90
CA VAL A 29 9.08 -1.45 35.27
C VAL A 29 10.27 -1.44 36.23
N ASP A 30 10.05 -1.06 37.48
CA ASP A 30 11.05 -1.16 38.54
C ASP A 30 10.81 -2.44 39.32
N TYR A 31 11.89 -3.14 39.66
CA TYR A 31 11.82 -4.40 40.37
C TYR A 31 12.79 -4.40 41.52
N ASP A 32 12.28 -4.69 42.73
CA ASP A 32 13.06 -4.65 43.97
C ASP A 32 13.71 -3.26 44.05
N GLY A 33 15.01 -3.16 44.25
CA GLY A 33 15.67 -1.87 44.26
C GLY A 33 16.14 -1.37 42.91
N ASP A 34 15.86 -2.09 41.84
CA ASP A 34 16.40 -1.78 40.52
C ASP A 34 15.32 -1.34 39.56
N SER A 35 15.73 -0.59 38.55
CA SER A 35 14.85 -0.08 37.51
C SER A 35 15.33 -0.54 36.14
N TYR A 36 14.39 -0.84 35.26
CA TYR A 36 14.70 -1.33 33.92
C TYR A 36 14.17 -0.38 32.84
N MET A 37 14.16 0.91 33.15
CA MET A 37 13.79 1.94 32.19
C MET A 37 15.04 2.49 31.52
N ASN A 38 15.06 2.45 30.19
CA ASN A 38 16.21 2.91 29.42
C ASN A 38 15.75 3.84 28.30
N TRP A 39 16.62 4.81 27.96
CA TRP A 39 16.33 5.82 26.96
C TRP A 39 17.34 5.74 25.83
N TYR A 40 16.86 5.87 24.59
CA TYR A 40 17.72 5.79 23.42
C TYR A 40 17.47 6.96 22.48
N GLN A 41 18.53 7.33 21.75
CA GLN A 41 18.46 8.33 20.69
C GLN A 41 18.70 7.64 19.35
N GLN A 42 17.86 7.93 18.37
CA GLN A 42 18.06 7.41 17.03
C GLN A 42 18.01 8.54 16.01
N LYS A 43 19.13 8.77 15.34
CA LYS A 43 19.23 9.69 14.24
C LYS A 43 18.94 8.97 12.92
N PRO A 44 18.52 9.70 11.89
CA PRO A 44 18.14 9.05 10.63
C PRO A 44 19.25 8.19 10.06
N GLY A 45 18.88 6.98 9.62
CA GLY A 45 19.82 6.06 9.02
C GLY A 45 20.75 5.36 9.98
N GLN A 46 20.53 5.49 11.29
CA GLN A 46 21.45 4.97 12.28
C GLN A 46 20.72 4.07 13.26
N PRO A 47 21.44 3.15 13.90
CA PRO A 47 20.85 2.37 15.00
C PRO A 47 20.60 3.26 16.21
N PRO A 48 19.71 2.86 17.09
CA PRO A 48 19.54 3.60 18.36
C PRO A 48 20.83 3.60 19.16
N LYS A 49 21.03 4.68 19.91
CA LYS A 49 22.18 4.84 20.78
C LYS A 49 21.68 5.00 22.22
N LEU A 50 22.23 4.19 23.13
CA LEU A 50 21.82 4.25 24.52
C LEU A 50 22.25 5.58 25.15
N LEU A 51 21.30 6.24 25.82
CA LEU A 51 21.57 7.49 26.54
C LEU A 51 21.53 7.31 28.05
N ILE A 52 20.47 6.69 28.56
CA ILE A 52 20.25 6.54 29.99
C ILE A 52 19.84 5.09 30.26
N PHE A 53 20.42 4.49 31.30
CA PHE A 53 20.05 3.15 31.72
C PHE A 53 19.65 3.15 33.19
N ALA A 54 18.75 2.22 33.54
CA ALA A 54 18.21 2.11 34.89
C ALA A 54 17.59 3.44 35.34
N ALA A 55 17.01 4.14 34.38
CA ALA A 55 16.10 5.28 34.53
C ALA A 55 16.78 6.59 34.95
N SER A 56 18.02 6.55 35.43
CA SER A 56 18.69 7.78 35.82
C SER A 56 20.19 7.79 35.60
N ASN A 57 20.77 6.73 35.07
CA ASN A 57 22.22 6.62 34.95
C ASN A 57 22.67 7.08 33.57
N LEU A 58 23.61 8.01 33.53
CA LEU A 58 24.15 8.50 32.27
C LEU A 58 25.08 7.45 31.68
N GLU A 59 24.80 7.04 30.46
CA GLU A 59 25.65 6.06 29.79
C GLU A 59 26.99 6.69 29.45
N SER A 60 28.06 5.90 29.58
CA SER A 60 29.40 6.38 29.29
C SER A 60 29.50 6.90 27.86
N GLY A 61 30.16 8.05 27.70
CA GLY A 61 30.31 8.70 26.42
C GLY A 61 29.17 9.61 26.03
N ILE A 62 28.09 9.66 26.80
CA ILE A 62 26.93 10.49 26.51
C ILE A 62 27.08 11.79 27.30
N PRO A 63 26.93 12.95 26.66
CA PRO A 63 27.10 14.22 27.40
C PRO A 63 26.11 14.35 28.54
N ALA A 64 26.55 15.03 29.60
CA ALA A 64 25.72 15.23 30.79
C ALA A 64 24.52 16.13 30.52
N ARG A 65 24.36 16.62 29.29
CA ARG A 65 23.14 17.34 28.92
C ARG A 65 21.91 16.44 28.99
N PHE A 66 22.10 15.13 28.87
CA PHE A 66 21.01 14.17 28.96
C PHE A 66 20.89 13.67 30.40
N SER A 67 19.66 13.55 30.88
CA SER A 67 19.41 13.02 32.21
C SER A 67 18.02 12.38 32.23
N GLY A 68 17.82 11.49 33.20
CA GLY A 68 16.55 10.81 33.34
C GLY A 68 16.10 10.80 34.79
N SER A 69 14.79 10.61 34.96
CA SER A 69 14.18 10.61 36.28
C SER A 69 12.94 9.72 36.25
N GLY A 70 12.43 9.43 37.43
CA GLY A 70 11.18 8.71 37.57
C GLY A 70 11.38 7.34 38.20
N SER A 71 10.25 6.70 38.48
CA SER A 71 10.23 5.38 39.10
C SER A 71 8.87 4.76 38.84
N GLY A 72 8.78 3.45 39.09
CA GLY A 72 7.53 2.75 38.92
C GLY A 72 6.99 2.77 37.51
N THR A 73 5.96 3.56 37.28
CA THR A 73 5.30 3.64 35.98
C THR A 73 5.54 4.94 35.23
N ASP A 74 6.17 5.93 35.86
CA ASP A 74 6.30 7.27 35.29
C ASP A 74 7.76 7.65 35.23
N PHE A 75 8.24 8.00 34.04
CA PHE A 75 9.64 8.35 33.83
C PHE A 75 9.72 9.55 32.91
N THR A 76 10.84 10.26 33.00
CA THR A 76 11.06 11.45 32.19
C THR A 76 12.50 11.48 31.71
N LEU A 77 12.67 11.95 30.48
CA LEU A 77 13.98 12.21 29.91
C LEU A 77 14.11 13.71 29.68
N ASN A 78 15.21 14.29 30.13
CA ASN A 78 15.44 15.72 30.00
C ASN A 78 16.70 15.96 29.20
N ILE A 79 16.61 16.85 28.23
CA ILE A 79 17.76 17.32 27.47
C ILE A 79 17.88 18.81 27.76
N HIS A 80 18.81 19.17 28.64
CA HIS A 80 19.18 20.55 28.85
C HIS A 80 20.40 20.85 27.96
N PRO A 81 20.84 22.12 27.89
CA PRO A 81 21.22 22.68 26.58
C PRO A 81 20.90 21.82 25.38
N VAL A 82 19.69 21.95 24.84
CA VAL A 82 19.38 21.36 23.55
C VAL A 82 20.30 21.96 22.50
N GLU A 83 20.88 21.11 21.66
CA GLU A 83 21.80 21.54 20.62
C GLU A 83 21.32 21.05 19.25
N GLU A 84 21.93 21.60 18.20
CA GLU A 84 21.53 21.25 16.84
C GLU A 84 21.67 19.75 16.59
N GLU A 85 22.75 19.14 17.09
CA GLU A 85 22.99 17.73 16.84
C GLU A 85 21.98 16.83 17.55
N ASP A 86 21.17 17.37 18.46
CA ASP A 86 20.21 16.56 19.19
C ASP A 86 18.95 16.26 18.37
N ALA A 87 18.82 16.82 17.17
CA ALA A 87 17.71 16.52 16.30
C ALA A 87 17.66 15.02 16.01
N ALA A 88 16.65 14.35 16.53
CA ALA A 88 16.55 12.90 16.47
C ALA A 88 15.19 12.49 17.00
N THR A 89 14.96 11.18 17.05
CA THR A 89 13.80 10.59 17.69
C THR A 89 14.25 9.84 18.93
N TYR A 90 13.51 10.00 20.02
CA TYR A 90 13.91 9.47 21.32
C TYR A 90 12.92 8.42 21.79
N TYR A 91 13.43 7.30 22.29
CA TYR A 91 12.64 6.15 22.69
C TYR A 91 12.90 5.80 24.14
N CYS A 92 11.85 5.58 24.90
CA CYS A 92 11.98 4.88 26.18
C CYS A 92 11.83 3.38 25.97
N GLN A 93 12.29 2.62 26.94
CA GLN A 93 12.37 1.17 26.78
C GLN A 93 12.33 0.49 28.14
N GLN A 94 11.70 -0.68 28.18
CA GLN A 94 11.53 -1.45 29.40
C GLN A 94 12.21 -2.80 29.25
N SER A 95 13.10 -3.13 30.20
CA SER A 95 13.72 -4.44 30.25
C SER A 95 13.27 -5.24 31.47
N ASN A 96 12.10 -4.91 32.03
CA ASN A 96 11.64 -5.54 33.27
C ASN A 96 11.00 -6.90 33.00
N GLU A 97 10.05 -6.95 32.06
CA GLU A 97 9.31 -8.16 31.78
C GLU A 97 9.42 -8.52 30.31
N ASP A 98 9.66 -9.80 30.03
CA ASP A 98 9.62 -10.28 28.67
C ASP A 98 8.18 -10.28 28.16
N PRO A 99 7.94 -9.84 26.92
CA PRO A 99 8.93 -9.34 25.96
C PRO A 99 9.34 -7.90 26.26
N TYR A 100 10.60 -7.55 26.00
CA TYR A 100 11.02 -6.15 26.10
C TYR A 100 10.18 -5.31 25.17
N THR A 101 9.86 -4.09 25.60
CA THR A 101 9.01 -3.21 24.81
C THR A 101 9.61 -1.82 24.73
N PHE A 102 9.30 -1.13 23.64
CA PHE A 102 9.74 0.23 23.40
C PHE A 102 8.56 1.18 23.45
N GLY A 103 8.84 2.43 23.83
CA GLY A 103 7.85 3.47 23.64
C GLY A 103 7.67 3.77 22.16
N GLY A 104 6.63 4.57 21.87
CA GLY A 104 6.33 4.88 20.48
C GLY A 104 7.32 5.83 19.83
N GLY A 105 8.13 6.53 20.62
CA GLY A 105 9.09 7.46 20.08
C GLY A 105 8.66 8.91 20.12
N THR A 106 9.60 9.81 20.36
CA THR A 106 9.34 11.25 20.38
C THR A 106 10.36 11.94 19.50
N LYS A 107 9.88 12.61 18.44
CA LYS A 107 10.76 13.30 17.51
C LYS A 107 11.02 14.71 18.00
N LEU A 108 12.29 15.06 18.19
CA LEU A 108 12.69 16.38 18.67
C LEU A 108 13.18 17.20 17.50
N GLU A 109 12.52 18.34 17.25
CA GLU A 109 12.94 19.31 16.27
C GLU A 109 13.64 20.46 16.99
N ILE A 110 14.79 20.88 16.47
CA ILE A 110 15.52 21.99 17.05
C ILE A 110 15.03 23.28 16.38
N LYS A 111 14.48 24.18 17.19
CA LYS A 111 13.98 25.44 16.66
C LYS A 111 15.13 26.35 16.26
N ARG A 112 14.89 27.20 15.26
CA ARG A 112 15.90 28.11 14.75
C ARG A 112 15.19 29.27 14.08
N ALA A 113 15.97 30.26 13.68
CA ALA A 113 15.43 31.42 12.99
C ALA A 113 14.84 31.02 11.63
N ASP A 114 13.84 31.76 11.20
CA ASP A 114 13.24 31.53 9.89
C ASP A 114 14.27 31.69 8.79
N ALA A 115 14.12 30.89 7.74
CA ALA A 115 15.04 30.95 6.61
C ALA A 115 14.27 30.63 5.34
N ALA A 116 14.40 31.49 4.33
CA ALA A 116 13.74 31.27 3.07
C ALA A 116 14.46 30.17 2.27
N PRO A 117 13.72 29.37 1.52
CA PRO A 117 14.36 28.35 0.68
C PRO A 117 15.17 28.98 -0.44
N THR A 118 16.27 28.32 -0.78
CA THR A 118 17.01 28.61 -2.00
C THR A 118 16.49 27.67 -3.08
N VAL A 119 15.84 28.24 -4.09
CA VAL A 119 15.09 27.46 -5.07
C VAL A 119 15.85 27.45 -6.39
N SER A 120 16.02 26.25 -6.96
CA SER A 120 16.65 26.07 -8.25
C SER A 120 15.81 25.10 -9.07
N ILE A 121 15.61 25.42 -10.35
CA ILE A 121 14.84 24.58 -11.26
C ILE A 121 15.78 24.04 -12.33
N PHE A 122 15.54 22.79 -12.74
CA PHE A 122 16.43 22.12 -13.67
C PHE A 122 15.61 21.51 -14.80
N PRO A 123 15.82 21.91 -16.05
CA PRO A 123 15.17 21.24 -17.17
C PRO A 123 15.65 19.81 -17.29
N PRO A 124 14.92 18.95 -18.00
CA PRO A 124 15.40 17.58 -18.19
C PRO A 124 16.77 17.58 -18.86
N SER A 125 17.63 16.67 -18.43
CA SER A 125 18.91 16.50 -19.10
C SER A 125 18.67 15.95 -20.50
N SER A 126 19.62 16.25 -21.40
CA SER A 126 19.50 15.75 -22.77
C SER A 126 19.51 14.22 -22.80
N GLU A 127 20.29 13.60 -21.92
CA GLU A 127 20.34 12.13 -21.89
C GLU A 127 18.98 11.53 -21.53
N GLN A 128 18.27 12.13 -20.57
CA GLN A 128 16.96 11.61 -20.22
C GLN A 128 15.96 11.79 -21.36
N LEU A 129 16.04 12.91 -22.06
CA LEU A 129 15.16 13.12 -23.21
C LEU A 129 15.41 12.06 -24.29
N THR A 130 16.67 11.73 -24.52
CA THR A 130 16.98 10.61 -25.40
C THR A 130 16.42 9.31 -24.86
N SER A 131 16.35 9.16 -23.55
CA SER A 131 15.78 7.97 -22.93
C SER A 131 14.27 7.93 -23.03
N GLY A 132 13.62 9.03 -23.40
CA GLY A 132 12.18 9.09 -23.54
C GLY A 132 11.45 9.70 -22.36
N GLY A 133 12.16 10.04 -21.29
CA GLY A 133 11.57 10.66 -20.12
C GLY A 133 11.94 12.13 -20.02
N ALA A 134 11.24 12.83 -19.14
CA ALA A 134 11.50 14.26 -18.92
C ALA A 134 11.12 14.58 -17.48
N SER A 135 12.13 14.61 -16.60
CA SER A 135 11.95 14.98 -15.21
C SER A 135 12.40 16.43 -15.03
N VAL A 136 11.47 17.27 -14.57
CA VAL A 136 11.79 18.65 -14.21
C VAL A 136 11.97 18.68 -12.69
N VAL A 137 13.17 19.07 -12.25
CA VAL A 137 13.57 18.95 -10.85
C VAL A 137 13.64 20.35 -10.26
N CYS A 138 13.10 20.50 -9.05
CA CYS A 138 13.14 21.76 -8.32
C CYS A 138 13.67 21.49 -6.92
N PHE A 139 14.80 22.12 -6.59
CA PHE A 139 15.40 22.02 -5.27
C PHE A 139 14.99 23.23 -4.44
N LEU A 140 14.54 22.99 -3.22
CA LEU A 140 14.15 24.04 -2.28
C LEU A 140 14.94 23.78 -1.00
N ASN A 141 16.06 24.48 -0.83
CA ASN A 141 17.09 24.07 0.10
C ASN A 141 17.24 25.05 1.26
N ASN A 142 17.51 24.49 2.44
CA ASN A 142 17.95 25.24 3.62
C ASN A 142 16.89 26.25 4.09
N PHE A 143 15.66 25.77 4.25
CA PHE A 143 14.58 26.62 4.71
C PHE A 143 14.11 26.18 6.09
N TYR A 144 13.42 27.10 6.78
CA TYR A 144 12.86 26.84 8.09
C TYR A 144 11.74 27.84 8.34
N PRO A 145 10.58 27.42 8.86
CA PRO A 145 10.21 26.07 9.31
C PRO A 145 9.99 25.08 8.17
N LYS A 146 9.73 23.81 8.49
CA LYS A 146 9.66 22.76 7.48
C LYS A 146 8.41 22.84 6.63
N ASP A 147 7.37 23.52 7.10
CA ASP A 147 6.13 23.61 6.33
C ASP A 147 6.35 24.45 5.09
N ILE A 148 6.12 23.86 3.92
CA ILE A 148 6.35 24.53 2.65
C ILE A 148 5.41 23.91 1.62
N ASN A 149 4.99 24.71 0.66
CA ASN A 149 4.10 24.27 -0.41
C ASN A 149 4.76 24.54 -1.75
N VAL A 150 4.77 23.52 -2.61
CA VAL A 150 5.34 23.62 -3.95
C VAL A 150 4.21 23.50 -4.95
N LYS A 151 4.13 24.45 -5.87
CA LYS A 151 3.18 24.43 -6.96
C LYS A 151 3.94 24.31 -8.28
N TRP A 152 3.49 23.41 -9.14
CA TRP A 152 4.04 23.28 -10.48
C TRP A 152 3.07 23.87 -11.48
N LYS A 153 3.55 24.82 -12.28
CA LYS A 153 2.75 25.46 -13.32
C LYS A 153 3.36 25.17 -14.68
N ILE A 154 2.53 24.72 -15.61
CA ILE A 154 2.94 24.45 -16.99
C ILE A 154 2.18 25.39 -17.90
N ASP A 155 2.89 26.31 -18.55
CA ASP A 155 2.29 27.34 -19.40
C ASP A 155 1.25 28.15 -18.63
N GLY A 156 1.52 28.37 -17.34
CA GLY A 156 0.64 29.13 -16.50
C GLY A 156 -0.49 28.35 -15.85
N SER A 157 -0.63 27.06 -16.18
CA SER A 157 -1.68 26.22 -15.63
C SER A 157 -1.09 25.30 -14.56
N GLU A 158 -1.76 25.23 -13.41
CA GLU A 158 -1.31 24.37 -12.32
C GLU A 158 -1.32 22.90 -12.75
N ARG A 159 -0.30 22.16 -12.32
CA ARG A 159 -0.18 20.75 -12.61
C ARG A 159 0.04 19.98 -11.31
N GLN A 160 -0.72 18.92 -11.10
CA GLN A 160 -0.61 18.09 -9.91
C GLN A 160 -0.17 16.67 -10.20
N ASN A 161 -0.61 16.09 -11.31
CA ASN A 161 -0.21 14.73 -11.66
C ASN A 161 1.27 14.69 -12.05
N GLY A 162 1.95 13.63 -11.62
CA GLY A 162 3.34 13.43 -11.97
C GLY A 162 4.35 14.12 -11.08
N VAL A 163 3.93 14.67 -9.95
CA VAL A 163 4.82 15.35 -9.02
C VAL A 163 5.17 14.41 -7.88
N LEU A 164 6.47 14.26 -7.61
CA LEU A 164 6.96 13.46 -6.51
C LEU A 164 7.91 14.31 -5.67
N ASN A 165 7.69 14.31 -4.36
CA ASN A 165 8.43 15.17 -3.44
C ASN A 165 9.23 14.32 -2.47
N SER A 166 10.40 14.84 -2.09
CA SER A 166 11.24 14.20 -1.09
C SER A 166 11.78 15.27 -0.14
N TRP A 167 11.76 14.97 1.15
CA TRP A 167 12.21 15.89 2.18
C TRP A 167 13.40 15.29 2.93
N THR A 168 14.40 16.11 3.18
CA THR A 168 15.46 15.69 4.08
C THR A 168 14.99 15.77 5.53
N ASP A 169 15.64 15.00 6.38
CA ASP A 169 15.46 15.21 7.81
C ASP A 169 16.15 16.51 8.22
N GLN A 170 15.78 17.02 9.39
CA GLN A 170 16.37 18.27 9.85
C GLN A 170 17.89 18.15 9.90
N ASP A 171 18.55 19.15 9.32
CA ASP A 171 20.01 19.15 9.28
C ASP A 171 20.59 19.16 10.69
N SER A 172 21.53 18.25 10.95
CA SER A 172 22.13 18.15 12.28
C SER A 172 23.05 19.33 12.59
N LYS A 173 23.39 20.15 11.60
CA LYS A 173 24.34 21.24 11.79
C LYS A 173 23.69 22.62 11.82
N ASP A 174 22.78 22.92 10.89
CA ASP A 174 22.15 24.23 10.86
C ASP A 174 20.64 24.19 11.09
N SER A 175 20.08 23.02 11.39
CA SER A 175 18.68 22.85 11.78
C SER A 175 17.70 23.24 10.68
N THR A 176 18.17 23.34 9.43
CA THR A 176 17.28 23.67 8.33
C THR A 176 16.73 22.40 7.69
N TYR A 177 15.76 22.59 6.80
CA TYR A 177 15.17 21.52 6.02
C TYR A 177 15.41 21.79 4.54
N SER A 178 15.43 20.73 3.74
CA SER A 178 15.53 20.85 2.30
C SER A 178 14.56 19.87 1.65
N MET A 179 14.14 20.21 0.43
CA MET A 179 13.10 19.46 -0.26
C MET A 179 13.39 19.46 -1.75
N SER A 180 13.11 18.32 -2.39
CA SER A 180 13.19 18.18 -3.84
C SER A 180 11.80 17.88 -4.37
N SER A 181 11.38 18.62 -5.39
CA SER A 181 10.12 18.39 -6.08
C SER A 181 10.41 18.08 -7.53
N THR A 182 9.89 16.95 -8.01
CA THR A 182 10.18 16.48 -9.36
C THR A 182 8.87 16.27 -10.11
N LEU A 183 8.73 16.98 -11.24
CA LEU A 183 7.61 16.79 -12.15
C LEU A 183 8.10 15.92 -13.30
N THR A 184 7.59 14.70 -13.37
CA THR A 184 8.02 13.74 -14.38
C THR A 184 6.93 13.61 -15.45
N LEU A 185 7.30 13.92 -16.69
CA LEU A 185 6.46 13.73 -17.86
C LEU A 185 7.19 12.83 -18.84
N THR A 186 6.46 12.38 -19.85
CA THR A 186 7.12 11.79 -21.00
C THR A 186 7.79 12.88 -21.83
N LYS A 187 8.71 12.47 -22.70
CA LYS A 187 9.32 13.42 -23.62
C LYS A 187 8.27 14.08 -24.50
N ASP A 188 7.32 13.30 -25.01
CA ASP A 188 6.27 13.85 -25.85
C ASP A 188 5.43 14.87 -25.09
N GLU A 189 5.08 14.56 -23.83
CA GLU A 189 4.33 15.51 -23.01
C GLU A 189 5.15 16.78 -22.79
N TYR A 190 6.43 16.64 -22.48
CA TYR A 190 7.26 17.78 -22.13
C TYR A 190 7.43 18.74 -23.29
N GLU A 191 7.52 18.23 -24.52
CA GLU A 191 7.73 19.09 -25.68
C GLU A 191 6.45 19.74 -26.19
N ARG A 192 5.30 19.40 -25.63
CA ARG A 192 4.04 20.05 -25.99
C ARG A 192 3.81 21.33 -25.21
N HIS A 193 4.74 21.74 -24.36
CA HIS A 193 4.57 22.92 -23.53
C HIS A 193 5.88 23.70 -23.50
N ASN A 194 5.77 24.99 -23.18
CA ASN A 194 6.89 25.92 -23.25
C ASN A 194 7.38 26.36 -21.88
N SER A 195 6.50 26.86 -21.03
CA SER A 195 6.88 27.46 -19.75
C SER A 195 6.69 26.45 -18.63
N TYR A 196 7.74 26.24 -17.84
CA TYR A 196 7.72 25.35 -16.68
C TYR A 196 8.11 26.15 -15.45
N THR A 197 7.29 26.06 -14.41
CA THR A 197 7.44 26.94 -13.25
C THR A 197 7.30 26.16 -11.96
N CYS A 198 8.28 26.33 -11.07
CA CYS A 198 8.23 25.77 -9.72
C CYS A 198 7.98 26.92 -8.75
N GLU A 199 6.88 26.82 -8.00
CA GLU A 199 6.41 27.90 -7.12
C GLU A 199 6.47 27.42 -5.68
N ALA A 200 7.16 28.17 -4.84
CA ALA A 200 7.33 27.84 -3.43
C ALA A 200 6.57 28.84 -2.56
N THR A 201 5.70 28.33 -1.70
CA THR A 201 5.00 29.14 -0.71
C THR A 201 5.56 28.80 0.65
N HIS A 202 6.11 29.81 1.33
CA HIS A 202 6.77 29.63 2.62
C HIS A 202 6.48 30.85 3.48
N LYS A 203 6.55 30.66 4.80
CA LYS A 203 6.19 31.72 5.73
C LYS A 203 7.11 32.94 5.61
N THR A 204 8.32 32.76 5.07
CA THR A 204 9.27 33.85 4.96
C THR A 204 8.94 34.84 3.85
N SER A 205 7.83 34.67 3.15
CA SER A 205 7.46 35.58 2.07
C SER A 205 5.95 35.56 1.88
N THR A 206 5.37 36.76 1.76
CA THR A 206 3.94 36.85 1.47
C THR A 206 3.63 36.45 0.04
N SER A 207 4.59 36.63 -0.87
CA SER A 207 4.48 36.23 -2.26
C SER A 207 5.29 34.96 -2.51
N PRO A 208 4.78 34.06 -3.35
CA PRO A 208 5.51 32.82 -3.62
C PRO A 208 6.86 33.07 -4.28
N ILE A 209 7.82 32.21 -3.97
CA ILE A 209 9.12 32.21 -4.64
C ILE A 209 8.97 31.45 -5.95
N VAL A 210 9.31 32.10 -7.07
CA VAL A 210 9.05 31.57 -8.40
C VAL A 210 10.38 31.34 -9.11
N LYS A 211 10.57 30.12 -9.62
CA LYS A 211 11.66 29.81 -10.52
C LYS A 211 11.08 29.15 -11.75
N SER A 212 11.49 29.61 -12.94
CA SER A 212 10.84 29.19 -14.16
C SER A 212 11.85 29.17 -15.31
N PHE A 213 11.50 28.42 -16.36
CA PHE A 213 12.28 28.42 -17.58
C PHE A 213 11.36 28.10 -18.75
N ASN A 214 11.80 28.50 -19.95
CA ASN A 214 11.11 28.20 -21.18
C ASN A 214 11.87 27.12 -21.93
N ARG A 215 11.14 26.11 -22.43
CA ARG A 215 11.77 24.99 -23.12
C ARG A 215 12.66 25.46 -24.26
N ASN A 216 12.20 26.44 -25.04
CA ASN A 216 12.97 27.03 -26.12
C ASN A 216 13.37 25.98 -27.17
N PRO B 1 37.35 -2.30 21.60
CA PRO B 1 36.00 -1.75 21.60
C PRO B 1 34.93 -2.76 21.18
N VAL B 2 33.78 -2.72 21.84
CA VAL B 2 32.67 -3.60 21.46
C VAL B 2 32.13 -3.18 20.11
N GLN B 3 32.09 -4.12 19.16
CA GLN B 3 31.55 -3.85 17.84
C GLN B 3 30.71 -5.02 17.38
N LEU B 4 29.57 -4.71 16.76
CA LEU B 4 28.66 -5.70 16.18
C LEU B 4 28.49 -5.36 14.72
N GLN B 5 29.03 -6.19 13.83
CA GLN B 5 28.96 -5.95 12.39
C GLN B 5 27.92 -6.89 11.80
N GLN B 6 26.87 -6.33 11.21
CA GLN B 6 25.79 -7.08 10.62
C GLN B 6 26.00 -7.25 9.12
N SER B 7 25.27 -8.21 8.55
CA SER B 7 25.38 -8.47 7.13
C SER B 7 24.66 -7.38 6.33
N GLY B 8 24.97 -7.31 5.03
CA GLY B 8 24.49 -6.25 4.20
C GLY B 8 23.02 -6.41 3.85
N PRO B 9 22.48 -5.42 3.14
CA PRO B 9 21.06 -5.46 2.78
C PRO B 9 20.72 -6.66 1.91
N GLU B 10 19.47 -7.13 2.06
CA GLU B 10 19.01 -8.33 1.40
C GLU B 10 17.72 -8.06 0.64
N LEU B 11 17.63 -8.63 -0.57
CA LEU B 11 16.39 -8.66 -1.34
C LEU B 11 15.93 -10.11 -1.41
N VAL B 12 14.70 -10.36 -0.98
CA VAL B 12 14.18 -11.72 -0.83
C VAL B 12 12.79 -11.78 -1.43
N LYS B 13 12.50 -12.88 -2.14
CA LYS B 13 11.18 -13.10 -2.70
C LYS B 13 10.17 -13.37 -1.58
N PRO B 14 8.92 -12.94 -1.77
CA PRO B 14 7.89 -13.23 -0.75
C PRO B 14 7.72 -14.74 -0.57
N GLY B 15 7.54 -15.14 0.69
CA GLY B 15 7.40 -16.53 1.04
C GLY B 15 8.72 -17.25 1.32
N ALA B 16 9.84 -16.66 0.94
CA ALA B 16 11.14 -17.31 1.11
C ALA B 16 11.65 -17.06 2.52
N SER B 17 12.89 -17.48 2.80
CA SER B 17 13.53 -17.29 4.09
C SER B 17 14.80 -16.47 3.91
N VAL B 18 15.18 -15.77 4.97
CA VAL B 18 16.42 -15.00 5.00
C VAL B 18 17.11 -15.27 6.33
N ARG B 19 18.44 -15.35 6.30
CA ARG B 19 19.25 -15.57 7.49
C ARG B 19 20.31 -14.47 7.55
N ILE B 20 20.23 -13.62 8.57
CA ILE B 20 21.12 -12.49 8.71
C ILE B 20 22.06 -12.74 9.88
N SER B 21 23.27 -12.21 9.77
CA SER B 21 24.35 -12.49 10.72
C SER B 21 24.73 -11.24 11.49
N CYS B 22 25.29 -11.46 12.69
CA CYS B 22 25.73 -10.40 13.58
C CYS B 22 27.04 -10.86 14.21
N LYS B 23 28.16 -10.31 13.73
CA LYS B 23 29.49 -10.74 14.16
C LYS B 23 29.99 -9.81 15.26
N ALA B 24 30.35 -10.39 16.40
CA ALA B 24 30.74 -9.64 17.58
C ALA B 24 32.26 -9.67 17.76
N SER B 25 32.79 -8.58 18.30
CA SER B 25 34.21 -8.49 18.65
C SER B 25 34.37 -7.51 19.79
N GLY B 26 35.52 -7.59 20.47
CA GLY B 26 35.85 -6.66 21.52
C GLY B 26 35.30 -6.99 22.89
N TYR B 27 34.65 -8.14 23.05
CA TYR B 27 34.14 -8.57 24.35
C TYR B 27 33.97 -10.09 24.30
N THR B 28 33.77 -10.67 25.49
CA THR B 28 33.58 -12.11 25.58
C THR B 28 32.20 -12.48 25.07
N PHE B 29 32.15 -13.08 23.88
CA PHE B 29 30.89 -13.37 23.21
C PHE B 29 29.98 -14.26 24.06
N THR B 30 30.57 -15.20 24.80
CA THR B 30 29.81 -16.21 25.53
C THR B 30 29.34 -15.73 26.90
N ARG B 31 29.40 -14.43 27.17
CA ARG B 31 29.02 -13.92 28.48
C ARG B 31 27.98 -12.81 28.42
N TYR B 32 27.42 -12.52 27.24
CA TYR B 32 26.44 -11.45 27.09
C TYR B 32 25.31 -11.92 26.19
N ASN B 33 24.12 -11.38 26.44
CA ASN B 33 22.96 -11.63 25.58
C ASN B 33 23.11 -10.89 24.26
N ILE B 34 22.51 -11.44 23.22
CA ILE B 34 22.33 -10.76 21.94
C ILE B 34 20.83 -10.62 21.70
N HIS B 35 20.37 -9.39 21.54
CA HIS B 35 18.97 -9.11 21.26
C HIS B 35 18.81 -8.70 19.80
N TRP B 36 17.60 -8.90 19.28
CA TRP B 36 17.27 -8.54 17.92
C TRP B 36 16.04 -7.64 17.91
N VAL B 37 16.10 -6.55 17.15
CA VAL B 37 15.06 -5.54 17.13
C VAL B 37 14.65 -5.28 15.68
N LYS B 38 13.36 -5.09 15.45
CA LYS B 38 12.81 -4.85 14.14
C LYS B 38 12.28 -3.42 14.04
N GLN B 39 12.52 -2.78 12.90
CA GLN B 39 12.04 -1.41 12.66
C GLN B 39 11.53 -1.32 11.23
N ARG B 40 10.21 -1.30 11.07
CA ARG B 40 9.61 -1.10 9.77
C ARG B 40 9.89 0.31 9.27
N PRO B 41 9.87 0.52 7.96
CA PRO B 41 10.16 1.86 7.41
C PRO B 41 9.23 2.91 8.00
N GLY B 42 9.83 3.94 8.58
CA GLY B 42 9.09 5.05 9.14
C GLY B 42 8.42 4.78 10.48
N GLN B 43 8.66 3.63 11.09
CA GLN B 43 7.97 3.22 12.30
C GLN B 43 8.95 3.11 13.45
N GLY B 44 8.45 2.62 14.59
CA GLY B 44 9.22 2.49 15.80
C GLY B 44 9.96 1.17 15.90
N LEU B 45 10.33 0.82 17.12
CA LEU B 45 11.18 -0.33 17.40
C LEU B 45 10.36 -1.44 18.04
N GLU B 46 10.53 -2.66 17.53
CA GLU B 46 9.84 -3.84 18.06
C GLU B 46 10.88 -4.90 18.41
N TRP B 47 10.78 -5.43 19.63
CA TRP B 47 11.75 -6.38 20.14
C TRP B 47 11.35 -7.79 19.76
N ILE B 48 12.32 -8.56 19.25
CA ILE B 48 12.07 -9.90 18.73
C ILE B 48 12.41 -10.97 19.75
N GLY B 49 13.60 -10.90 20.34
CA GLY B 49 14.01 -11.92 21.29
C GLY B 49 15.49 -11.80 21.57
N TRP B 50 15.96 -12.70 22.43
CA TRP B 50 17.37 -12.74 22.81
C TRP B 50 17.89 -14.16 22.74
N ILE B 51 19.20 -14.27 22.55
CA ILE B 51 19.93 -15.52 22.63
C ILE B 51 21.14 -15.30 23.53
N TYR B 52 21.45 -16.30 24.35
CA TYR B 52 22.67 -16.27 25.16
C TYR B 52 23.67 -17.23 24.54
N PRO B 53 24.71 -16.73 23.86
CA PRO B 53 25.65 -17.64 23.18
C PRO B 53 26.41 -18.56 24.11
N GLY B 54 26.44 -18.26 25.41
CA GLY B 54 27.18 -19.12 26.33
C GLY B 54 26.65 -20.54 26.40
N ASP B 55 25.32 -20.69 26.39
CA ASP B 55 24.70 -22.00 26.44
C ASP B 55 23.65 -22.23 25.38
N GLY B 56 23.45 -21.31 24.44
CA GLY B 56 22.47 -21.48 23.40
C GLY B 56 21.04 -21.19 23.81
N ASN B 57 20.82 -20.74 25.04
CA ASN B 57 19.46 -20.44 25.51
C ASN B 57 18.88 -19.27 24.72
N THR B 58 17.57 -19.32 24.49
CA THR B 58 16.88 -18.27 23.75
C THR B 58 15.52 -17.97 24.40
N PHE B 59 15.01 -16.79 24.11
CA PHE B 59 13.63 -16.42 24.41
C PHE B 59 13.11 -15.62 23.22
N TYR B 60 11.86 -15.90 22.82
CA TYR B 60 11.25 -15.26 21.67
C TYR B 60 10.00 -14.49 22.09
N ASN B 61 9.84 -13.29 21.52
CA ASN B 61 8.59 -12.58 21.64
C ASN B 61 7.47 -13.42 21.03
N GLU B 62 6.30 -13.38 21.66
CA GLU B 62 5.19 -14.23 21.23
C GLU B 62 4.79 -13.92 19.80
N LYS B 63 4.82 -12.65 19.41
CA LYS B 63 4.48 -12.29 18.03
C LYS B 63 5.45 -12.88 17.02
N PHE B 64 6.67 -13.23 17.44
CA PHE B 64 7.69 -13.73 16.52
C PHE B 64 7.96 -15.21 16.68
N LYS B 65 7.18 -15.92 17.51
CA LYS B 65 7.30 -17.37 17.59
C LYS B 65 6.83 -17.99 16.27
N GLY B 66 7.62 -18.94 15.76
CA GLY B 66 7.29 -19.60 14.53
C GLY B 66 7.77 -18.90 13.28
N LYS B 67 8.31 -17.70 13.39
CA LYS B 67 8.84 -16.97 12.25
C LYS B 67 10.32 -16.63 12.37
N ALA B 68 10.84 -16.45 13.59
CA ALA B 68 12.23 -16.11 13.81
C ALA B 68 12.92 -17.24 14.57
N THR B 69 14.16 -17.53 14.16
CA THR B 69 15.01 -18.50 14.85
C THR B 69 16.36 -17.85 15.11
N LEU B 70 16.79 -17.89 16.37
CA LEU B 70 18.06 -17.31 16.79
C LEU B 70 19.07 -18.43 17.03
N THR B 71 20.26 -18.28 16.44
CA THR B 71 21.36 -19.20 16.66
C THR B 71 22.63 -18.39 16.87
N ALA B 72 23.64 -19.04 17.47
CA ALA B 72 24.91 -18.41 17.73
C ALA B 72 26.04 -19.38 17.42
N ASP B 73 27.10 -18.85 16.81
CA ASP B 73 28.28 -19.63 16.44
C ASP B 73 29.43 -19.24 17.37
N LYS B 74 29.73 -20.12 18.33
CA LYS B 74 30.83 -19.85 19.25
C LYS B 74 32.18 -19.87 18.54
N SER B 75 32.34 -20.74 17.54
CA SER B 75 33.61 -20.85 16.83
C SER B 75 33.92 -19.63 15.96
N SER B 76 32.96 -18.72 15.78
CA SER B 76 33.21 -17.52 15.00
C SER B 76 32.64 -16.26 15.65
N SER B 77 32.11 -16.36 16.88
CA SER B 77 31.56 -15.22 17.61
C SER B 77 30.50 -14.49 16.79
N THR B 78 29.60 -15.27 16.18
CA THR B 78 28.58 -14.73 15.31
C THR B 78 27.20 -15.21 15.75
N ALA B 79 26.26 -14.28 15.82
CA ALA B 79 24.86 -14.59 16.06
C ALA B 79 24.08 -14.49 14.75
N TYR B 80 23.07 -15.34 14.61
CA TYR B 80 22.26 -15.38 13.40
C TYR B 80 20.79 -15.29 13.75
N MET B 81 20.02 -14.64 12.88
CA MET B 81 18.58 -14.68 12.93
C MET B 81 18.05 -15.10 11.57
N GLN B 82 17.24 -16.16 11.56
CA GLN B 82 16.56 -16.60 10.35
C GLN B 82 15.09 -16.23 10.44
N LEU B 83 14.58 -15.60 9.39
CA LEU B 83 13.16 -15.25 9.29
C LEU B 83 12.54 -16.06 8.16
N SER B 84 11.38 -16.65 8.42
CA SER B 84 10.74 -17.57 7.49
C SER B 84 9.37 -17.06 7.11
N SER B 85 8.82 -17.66 6.04
CA SER B 85 7.51 -17.30 5.51
C SER B 85 7.42 -15.79 5.29
N LEU B 86 8.44 -15.24 4.64
CA LEU B 86 8.60 -13.80 4.58
C LEU B 86 7.46 -13.15 3.80
N THR B 87 6.96 -12.04 4.35
CA THR B 87 5.84 -11.30 3.81
C THR B 87 6.34 -9.90 3.45
N SER B 88 5.69 -9.26 2.47
CA SER B 88 6.08 -7.90 2.11
C SER B 88 6.04 -6.98 3.32
N GLU B 89 5.16 -7.26 4.28
CA GLU B 89 5.15 -6.51 5.53
C GLU B 89 6.37 -6.78 6.40
N ASP B 90 7.12 -7.86 6.14
CA ASP B 90 8.33 -8.13 6.89
C ASP B 90 9.51 -7.29 6.43
N SER B 91 9.35 -6.51 5.36
CA SER B 91 10.39 -5.58 4.93
C SER B 91 10.67 -4.58 6.03
N ALA B 92 11.90 -4.61 6.56
CA ALA B 92 12.27 -3.76 7.68
C ALA B 92 13.79 -3.81 7.85
N VAL B 93 14.28 -2.96 8.75
CA VAL B 93 15.66 -3.02 9.22
C VAL B 93 15.68 -3.83 10.50
N TYR B 94 16.57 -4.81 10.58
CA TYR B 94 16.70 -5.67 11.75
C TYR B 94 18.05 -5.40 12.40
N PHE B 95 18.00 -5.00 13.67
CA PHE B 95 19.22 -4.70 14.44
C PHE B 95 19.54 -5.86 15.38
N CYS B 96 20.82 -6.14 15.53
CA CYS B 96 21.30 -6.91 16.65
C CYS B 96 21.94 -5.96 17.66
N THR B 97 21.83 -6.31 18.93
CA THR B 97 22.37 -5.49 20.00
C THR B 97 22.69 -6.37 21.20
N ARG B 98 23.65 -5.94 21.99
CA ARG B 98 24.00 -6.63 23.22
C ARG B 98 23.52 -5.79 24.41
N SER B 99 23.18 -6.47 25.49
CA SER B 99 22.59 -5.84 26.65
C SER B 99 23.52 -5.93 27.86
N TYR B 100 23.40 -4.94 28.74
CA TYR B 100 24.14 -4.94 29.99
C TYR B 100 23.74 -6.15 30.84
N SER B 101 24.73 -6.71 31.55
CA SER B 101 24.48 -7.86 32.40
C SER B 101 24.43 -7.53 33.89
N GLU B 102 25.21 -6.55 34.33
CA GLU B 102 25.43 -6.34 35.76
C GLU B 102 24.17 -5.80 36.45
N SER B 103 24.15 -5.94 37.77
CA SER B 103 23.05 -5.45 38.58
C SER B 103 23.03 -3.93 38.55
N GLY B 104 21.82 -3.37 38.45
CA GLY B 104 21.66 -1.93 38.38
C GLY B 104 21.98 -1.32 37.03
N GLN B 105 22.23 -2.13 36.01
CA GLN B 105 22.54 -1.65 34.68
C GLN B 105 21.31 -1.62 33.77
N GLY B 106 20.12 -1.88 34.33
CA GLY B 106 18.87 -1.80 33.59
C GLY B 106 18.70 -2.81 32.48
N HIS B 107 19.68 -3.70 32.26
CA HIS B 107 19.69 -4.58 31.10
C HIS B 107 19.49 -3.78 29.81
N ALA B 108 20.09 -2.60 29.77
CA ALA B 108 19.98 -1.74 28.60
C ALA B 108 20.84 -2.28 27.46
N MET B 109 20.35 -2.06 26.25
CA MET B 109 21.09 -2.47 25.05
C MET B 109 22.10 -1.38 24.73
N ASP B 110 23.35 -1.59 25.14
CA ASP B 110 24.36 -0.54 25.11
C ASP B 110 25.18 -0.50 23.83
N TYR B 111 25.21 -1.60 23.06
CA TYR B 111 25.92 -1.62 21.78
C TYR B 111 25.00 -2.20 20.72
N TRP B 112 24.96 -1.55 19.56
CA TRP B 112 24.05 -1.91 18.49
C TRP B 112 24.82 -2.16 17.20
N GLY B 113 24.35 -3.12 16.41
CA GLY B 113 24.80 -3.25 15.05
C GLY B 113 24.24 -2.14 14.18
N GLN B 114 24.79 -2.03 12.97
CA GLN B 114 24.34 -0.98 12.07
C GLN B 114 22.98 -1.26 11.45
N GLY B 115 22.47 -2.47 11.61
CA GLY B 115 21.17 -2.80 11.03
C GLY B 115 21.30 -3.45 9.67
N THR B 116 20.41 -4.40 9.41
CA THR B 116 20.34 -5.09 8.13
C THR B 116 18.97 -4.84 7.52
N SER B 117 18.94 -4.20 6.36
CA SER B 117 17.69 -3.89 5.69
C SER B 117 17.28 -5.08 4.84
N VAL B 118 16.09 -5.62 5.12
CA VAL B 118 15.55 -6.75 4.37
C VAL B 118 14.38 -6.24 3.54
N THR B 119 14.48 -6.41 2.23
CA THR B 119 13.40 -6.06 1.32
C THR B 119 12.75 -7.35 0.85
N VAL B 120 11.44 -7.46 1.06
CA VAL B 120 10.67 -8.64 0.64
C VAL B 120 9.83 -8.21 -0.55
N SER B 121 10.21 -8.66 -1.74
CA SER B 121 9.56 -8.22 -2.96
C SER B 121 9.91 -9.18 -4.09
N SER B 122 8.98 -9.33 -5.03
CA SER B 122 9.23 -10.09 -6.24
C SER B 122 9.75 -9.21 -7.38
N ALA B 123 9.87 -7.90 -7.16
CA ALA B 123 10.43 -7.01 -8.16
C ALA B 123 11.89 -7.34 -8.40
N LYS B 124 12.32 -7.18 -9.65
CA LYS B 124 13.66 -7.58 -10.07
C LYS B 124 14.67 -6.46 -9.83
N THR B 125 15.89 -6.85 -9.50
CA THR B 125 16.98 -5.89 -9.39
C THR B 125 17.12 -5.11 -10.70
N THR B 126 17.15 -3.79 -10.60
CA THR B 126 17.16 -2.92 -11.78
C THR B 126 18.22 -1.83 -11.59
N ALA B 127 19.04 -1.63 -12.60
CA ALA B 127 20.04 -0.56 -12.61
C ALA B 127 19.38 0.77 -12.95
N PRO B 128 19.75 1.85 -12.26
CA PRO B 128 19.19 3.16 -12.58
C PRO B 128 19.92 3.84 -13.73
N SER B 129 19.25 4.84 -14.29
CA SER B 129 19.93 5.83 -15.11
C SER B 129 20.38 6.98 -14.23
N VAL B 130 21.52 7.57 -14.58
CA VAL B 130 22.09 8.70 -13.84
C VAL B 130 22.16 9.88 -14.79
N TYR B 131 21.52 10.99 -14.41
CA TYR B 131 21.41 12.16 -15.27
C TYR B 131 22.06 13.36 -14.64
N PRO B 132 22.95 14.06 -15.35
CA PRO B 132 23.54 15.29 -14.80
C PRO B 132 22.58 16.46 -15.00
N LEU B 133 22.39 17.24 -13.94
CA LEU B 133 21.45 18.37 -13.96
C LEU B 133 22.25 19.66 -13.92
N ALA B 134 22.43 20.28 -15.09
CA ALA B 134 23.06 21.58 -15.21
C ALA B 134 22.01 22.68 -15.08
N PRO B 135 22.42 23.89 -14.70
CA PRO B 135 21.44 24.99 -14.55
C PRO B 135 20.80 25.34 -15.87
N VAL B 136 19.74 26.15 -15.78
CA VAL B 136 18.98 26.57 -16.95
C VAL B 136 19.90 27.31 -17.93
N CYS B 137 19.75 26.98 -19.21
CA CYS B 137 20.50 27.62 -20.29
C CYS B 137 20.32 29.14 -20.28
N GLY B 142 23.83 34.42 -9.95
CA GLY B 142 23.96 34.82 -8.57
C GLY B 142 25.35 34.57 -8.00
N SER B 143 25.49 34.75 -6.69
CA SER B 143 26.78 34.49 -6.04
C SER B 143 27.08 32.99 -5.96
N SER B 144 26.06 32.14 -5.98
CA SER B 144 26.23 30.71 -5.91
C SER B 144 25.52 30.04 -7.08
N VAL B 145 25.94 28.81 -7.39
CA VAL B 145 25.30 28.01 -8.42
C VAL B 145 25.03 26.62 -7.84
N THR B 146 23.86 26.08 -8.17
CA THR B 146 23.44 24.76 -7.70
C THR B 146 23.40 23.80 -8.88
N LEU B 147 24.00 22.63 -8.70
CA LEU B 147 23.95 21.55 -9.68
C LEU B 147 23.23 20.36 -9.07
N GLY B 148 22.76 19.46 -9.94
CA GLY B 148 22.00 18.32 -9.52
C GLY B 148 22.48 17.04 -10.18
N CYS B 149 22.06 15.93 -9.60
CA CYS B 149 22.36 14.60 -10.13
C CYS B 149 21.17 13.72 -9.84
N LEU B 150 20.54 13.19 -10.88
CA LEU B 150 19.30 12.42 -10.78
C LEU B 150 19.59 10.95 -11.01
N VAL B 151 19.19 10.11 -10.06
CA VAL B 151 19.38 8.66 -10.14
C VAL B 151 17.99 8.04 -10.22
N LYS B 152 17.59 7.62 -11.42
CA LYS B 152 16.21 7.28 -11.71
C LYS B 152 16.06 5.80 -12.04
N GLY B 153 15.17 5.13 -11.31
CA GLY B 153 14.73 3.79 -11.69
C GLY B 153 15.60 2.65 -11.24
N TYR B 154 15.93 2.58 -9.95
CA TYR B 154 16.70 1.47 -9.42
C TYR B 154 15.88 0.68 -8.41
N PHE B 155 16.30 -0.57 -8.20
CA PHE B 155 15.72 -1.47 -7.22
C PHE B 155 16.73 -2.59 -6.97
N PRO B 156 16.93 -3.01 -5.72
CA PRO B 156 16.34 -2.47 -4.49
C PRO B 156 17.20 -1.34 -3.93
N GLU B 157 16.85 -0.82 -2.76
CA GLU B 157 17.74 0.06 -2.04
C GLU B 157 18.98 -0.72 -1.61
N PRO B 158 20.11 -0.04 -1.39
CA PRO B 158 20.33 1.41 -1.50
C PRO B 158 21.21 1.79 -2.68
N VAL B 159 21.40 3.10 -2.85
CA VAL B 159 22.47 3.64 -3.70
C VAL B 159 23.29 4.60 -2.84
N THR B 160 24.53 4.79 -3.25
CA THR B 160 25.40 5.79 -2.64
C THR B 160 25.80 6.81 -3.69
N LEU B 161 25.77 8.08 -3.30
CA LEU B 161 26.11 9.18 -4.19
C LEU B 161 27.12 10.09 -3.51
N THR B 162 28.16 10.45 -4.25
CA THR B 162 29.15 11.43 -3.78
C THR B 162 29.40 12.44 -4.89
N TRP B 163 30.01 13.55 -4.49
CA TRP B 163 30.43 14.59 -5.43
C TRP B 163 31.94 14.70 -5.37
N ASN B 164 32.57 14.68 -6.55
CA ASN B 164 34.04 14.71 -6.66
C ASN B 164 34.67 13.65 -5.75
N SER B 165 34.14 12.43 -5.85
CA SER B 165 34.65 11.27 -5.12
C SER B 165 34.56 11.44 -3.60
N GLY B 166 33.60 12.24 -3.15
CA GLY B 166 33.42 12.51 -1.74
C GLY B 166 34.20 13.68 -1.20
N SER B 167 35.12 14.25 -2.00
CA SER B 167 35.86 15.42 -1.54
C SER B 167 34.94 16.63 -1.40
N LEU B 168 33.97 16.77 -2.30
CA LEU B 168 32.99 17.85 -2.23
C LEU B 168 31.84 17.37 -1.35
N SER B 169 31.89 17.71 -0.06
CA SER B 169 30.90 17.24 0.90
C SER B 169 30.01 18.35 1.45
N SER B 170 30.52 19.56 1.58
CA SER B 170 29.69 20.66 2.07
C SER B 170 28.84 21.23 0.93
N GLY B 171 27.69 21.75 1.29
CA GLY B 171 26.75 22.24 0.29
C GLY B 171 25.99 21.16 -0.44
N VAL B 172 25.98 19.94 0.07
CA VAL B 172 25.34 18.80 -0.60
C VAL B 172 24.01 18.50 0.10
N HIS B 173 22.99 18.22 -0.71
CA HIS B 173 21.73 17.69 -0.21
C HIS B 173 21.38 16.46 -1.05
N THR B 174 21.43 15.29 -0.44
CA THR B 174 21.03 14.05 -1.10
C THR B 174 19.71 13.60 -0.48
N PHE B 175 18.69 13.54 -1.28
CA PHE B 175 17.35 13.39 -0.75
C PHE B 175 16.95 11.91 -0.68
N PRO B 176 16.10 11.57 0.29
CA PRO B 176 15.63 10.19 0.38
C PRO B 176 14.91 9.78 -0.89
N ALA B 177 15.10 8.51 -1.27
CA ALA B 177 14.48 8.00 -2.48
C ALA B 177 12.96 7.97 -2.34
N VAL B 178 12.29 8.09 -3.48
CA VAL B 178 10.84 7.95 -3.55
C VAL B 178 10.53 6.81 -4.53
N LEU B 179 9.38 6.18 -4.34
CA LEU B 179 8.95 5.09 -5.22
C LEU B 179 8.29 5.68 -6.46
N GLN B 180 8.86 5.40 -7.63
CA GLN B 180 8.36 5.90 -8.90
C GLN B 180 8.35 4.76 -9.90
N SER B 181 7.17 4.45 -10.44
CA SER B 181 7.00 3.39 -11.44
C SER B 181 7.54 2.05 -10.91
N ASP B 182 7.17 1.73 -9.68
CA ASP B 182 7.58 0.49 -9.00
C ASP B 182 9.10 0.40 -8.83
N LEU B 183 9.80 1.52 -8.99
CA LEU B 183 11.24 1.60 -8.80
C LEU B 183 11.55 2.79 -7.91
N TYR B 184 12.82 2.92 -7.55
CA TYR B 184 13.28 4.03 -6.71
C TYR B 184 13.93 5.11 -7.55
N THR B 185 13.74 6.36 -7.12
CA THR B 185 14.37 7.51 -7.73
C THR B 185 14.89 8.41 -6.62
N LEU B 186 16.13 8.88 -6.74
CA LEU B 186 16.64 9.89 -5.83
C LEU B 186 17.42 10.93 -6.61
N SER B 187 17.61 12.08 -5.98
CA SER B 187 18.37 13.17 -6.56
C SER B 187 19.28 13.76 -5.49
N SER B 188 20.31 14.46 -5.95
CA SER B 188 21.21 15.18 -5.05
C SER B 188 21.49 16.54 -5.63
N SER B 189 21.61 17.54 -4.77
CA SER B 189 22.02 18.88 -5.16
C SER B 189 23.34 19.22 -4.50
N VAL B 190 24.15 19.99 -5.21
CA VAL B 190 25.38 20.56 -4.66
C VAL B 190 25.43 22.04 -5.04
N THR B 191 25.75 22.89 -4.07
CA THR B 191 25.79 24.33 -4.27
C THR B 191 27.20 24.84 -3.96
N VAL B 192 27.77 25.57 -4.92
CA VAL B 192 29.12 26.12 -4.80
C VAL B 192 29.09 27.57 -5.22
N THR B 193 30.20 28.26 -4.97
CA THR B 193 30.33 29.65 -5.41
C THR B 193 30.32 29.71 -6.94
N SER B 194 29.75 30.80 -7.46
CA SER B 194 29.61 30.93 -8.90
C SER B 194 30.96 30.97 -9.60
N SER B 195 31.99 31.53 -8.95
CA SER B 195 33.32 31.53 -9.53
C SER B 195 33.93 30.13 -9.58
N THR B 196 33.37 29.18 -8.83
CA THR B 196 33.90 27.82 -8.85
C THR B 196 33.48 27.06 -10.10
N TRP B 197 32.23 27.17 -10.53
CA TRP B 197 31.71 26.30 -11.59
C TRP B 197 30.93 26.98 -12.71
N PRO B 198 31.54 27.23 -13.83
CA PRO B 198 31.74 26.15 -14.81
C PRO B 198 33.22 25.78 -14.78
N SER B 199 34.00 26.62 -14.09
CA SER B 199 35.46 26.65 -14.27
C SER B 199 36.17 25.48 -13.62
N GLN B 200 35.65 24.95 -12.52
CA GLN B 200 36.23 23.78 -11.88
C GLN B 200 35.34 22.57 -12.14
N SER B 201 35.98 21.41 -12.27
CA SER B 201 35.25 20.18 -12.56
C SER B 201 34.39 19.76 -11.37
N ILE B 202 33.14 19.40 -11.63
CA ILE B 202 32.24 18.86 -10.62
C ILE B 202 31.55 17.63 -11.20
N THR B 203 31.69 16.50 -10.53
CA THR B 203 31.19 15.21 -10.98
C THR B 203 30.40 14.54 -9.87
N CYS B 204 29.24 13.97 -10.20
CA CYS B 204 28.51 13.15 -9.25
C CYS B 204 28.86 11.68 -9.52
N ASN B 205 29.15 10.96 -8.45
CA ASN B 205 29.53 9.55 -8.51
C ASN B 205 28.42 8.73 -7.87
N VAL B 206 27.92 7.74 -8.60
CA VAL B 206 26.78 6.94 -8.17
C VAL B 206 27.18 5.47 -8.18
N ALA B 207 26.84 4.77 -7.10
CA ALA B 207 26.96 3.33 -7.04
C ALA B 207 25.63 2.73 -6.64
N HIS B 208 25.20 1.70 -7.37
CA HIS B 208 24.05 0.87 -7.00
C HIS B 208 24.58 -0.55 -6.92
N PRO B 209 25.08 -0.97 -5.75
CA PRO B 209 25.81 -2.25 -5.69
C PRO B 209 24.99 -3.45 -6.10
N ALA B 210 23.67 -3.45 -5.84
CA ALA B 210 22.85 -4.61 -6.17
C ALA B 210 22.88 -4.91 -7.66
N SER B 211 22.94 -3.89 -8.50
CA SER B 211 23.04 -4.08 -9.94
C SER B 211 24.45 -3.83 -10.47
N SER B 212 25.43 -3.70 -9.57
CA SER B 212 26.83 -3.46 -9.94
C SER B 212 26.94 -2.23 -10.84
N THR B 213 26.14 -1.22 -10.54
CA THR B 213 26.15 0.04 -11.27
C THR B 213 27.18 0.98 -10.63
N LYS B 214 28.11 1.48 -11.44
CA LYS B 214 29.16 2.39 -10.96
C LYS B 214 29.39 3.43 -12.04
N VAL B 215 28.93 4.66 -11.81
CA VAL B 215 28.85 5.67 -12.84
C VAL B 215 29.42 6.99 -12.32
N ASP B 216 30.21 7.66 -13.16
CA ASP B 216 30.62 9.04 -12.95
C ASP B 216 29.94 9.91 -14.00
N LYS B 217 29.27 10.97 -13.57
CA LYS B 217 28.62 11.91 -14.47
C LYS B 217 29.14 13.32 -14.17
N LYS B 218 29.96 13.85 -15.07
CA LYS B 218 30.46 15.21 -14.92
C LYS B 218 29.39 16.19 -15.35
N ILE B 219 29.18 17.23 -14.55
CA ILE B 219 28.18 18.24 -14.87
C ILE B 219 28.77 19.22 -15.88
N GLU B 220 28.07 19.43 -16.98
CA GLU B 220 28.53 20.31 -18.04
C GLU B 220 27.49 21.39 -18.32
N PRO B 221 27.91 22.62 -18.61
CA PRO B 221 26.94 23.68 -18.91
C PRO B 221 26.08 23.32 -20.12
N ARG B 222 24.82 23.75 -20.07
CA ARG B 222 23.88 23.49 -21.16
C ARG B 222 24.18 24.37 -22.36
N GLY B 223 23.83 23.86 -23.53
CA GLY B 223 23.95 24.61 -24.78
C GLY B 223 22.64 24.70 -25.52
N ASP C 1 -12.60 20.16 -15.54
CA ASP C 1 -13.37 18.95 -15.38
C ASP C 1 -14.63 19.19 -14.54
N ILE C 2 -15.75 18.62 -14.98
CA ILE C 2 -16.99 18.70 -14.22
C ILE C 2 -16.95 17.60 -13.15
N VAL C 3 -17.05 17.99 -11.89
CA VAL C 3 -16.97 17.07 -10.77
C VAL C 3 -18.39 16.70 -10.35
N LEU C 4 -18.67 15.40 -10.27
CA LEU C 4 -19.97 14.89 -9.84
C LEU C 4 -19.83 14.36 -8.41
N THR C 5 -20.65 14.87 -7.51
CA THR C 5 -20.65 14.46 -6.12
C THR C 5 -21.98 13.80 -5.80
N GLN C 6 -21.93 12.55 -5.38
CA GLN C 6 -23.12 11.79 -5.02
C GLN C 6 -23.29 11.84 -3.50
N SER C 7 -24.42 12.33 -3.06
CA SER C 7 -24.89 12.49 -1.70
C SER C 7 -25.55 11.18 -1.24
N PRO C 8 -25.47 10.83 0.07
CA PRO C 8 -25.23 9.44 0.44
C PRO C 8 -24.31 8.65 -0.49
N GLY C 9 -23.09 8.41 -0.03
CA GLY C 9 -22.26 7.39 -0.65
C GLY C 9 -22.68 5.98 -0.29
N SER C 10 -23.38 5.81 0.82
CA SER C 10 -23.95 4.54 1.22
C SER C 10 -25.39 4.77 1.69
N LEU C 11 -26.28 3.87 1.28
CA LEU C 11 -27.70 4.01 1.60
C LEU C 11 -28.30 2.65 1.89
N ALA C 12 -29.08 2.56 2.95
CA ALA C 12 -29.86 1.38 3.28
C ALA C 12 -31.34 1.73 3.23
N MET C 13 -32.13 0.92 2.52
CA MET C 13 -33.55 1.18 2.39
C MET C 13 -34.33 -0.12 2.54
N SER C 14 -35.46 -0.03 3.24
CA SER C 14 -36.29 -1.20 3.47
C SER C 14 -36.87 -1.71 2.16
N LEU C 15 -37.06 -3.02 2.10
CA LEU C 15 -37.69 -3.64 0.95
C LEU C 15 -39.08 -3.05 0.72
N GLY C 16 -39.37 -2.67 -0.52
CA GLY C 16 -40.65 -2.09 -0.87
C GLY C 16 -40.75 -0.58 -0.74
N GLN C 17 -39.73 0.09 -0.20
CA GLN C 17 -39.75 1.54 -0.06
C GLN C 17 -38.91 2.19 -1.16
N ARG C 18 -38.97 3.52 -1.21
CA ARG C 18 -38.27 4.27 -2.25
C ARG C 18 -36.87 4.64 -1.80
N ALA C 19 -35.88 4.35 -2.64
CA ALA C 19 -34.52 4.85 -2.46
C ALA C 19 -34.30 6.03 -3.39
N THR C 20 -33.72 7.10 -2.86
CA THR C 20 -33.51 8.32 -3.62
C THR C 20 -32.05 8.71 -3.52
N ILE C 21 -31.38 8.83 -4.67
CA ILE C 21 -29.96 9.11 -4.76
C ILE C 21 -29.78 10.41 -5.53
N SER C 22 -28.95 11.30 -5.01
CA SER C 22 -28.76 12.61 -5.62
C SER C 22 -27.34 12.76 -6.15
N CYS C 23 -27.21 13.58 -7.19
CA CYS C 23 -25.93 13.85 -7.83
C CYS C 23 -25.81 15.36 -8.03
N LYS C 24 -24.69 15.93 -7.59
CA LYS C 24 -24.43 17.36 -7.71
C LYS C 24 -23.20 17.57 -8.59
N ALA C 25 -23.37 18.37 -9.65
CA ALA C 25 -22.31 18.66 -10.60
C ALA C 25 -21.69 20.02 -10.31
N SER C 26 -20.38 20.12 -10.55
CA SER C 26 -19.67 21.37 -10.31
C SER C 26 -20.05 22.45 -11.32
N GLN C 27 -20.44 22.05 -12.53
CA GLN C 27 -20.97 22.97 -13.52
C GLN C 27 -22.16 22.31 -14.20
N SER C 28 -22.88 23.09 -15.01
CA SER C 28 -24.04 22.57 -15.70
C SER C 28 -23.65 21.47 -16.68
N VAL C 29 -24.45 20.41 -16.71
CA VAL C 29 -24.26 19.31 -17.63
C VAL C 29 -25.34 19.28 -18.71
N ASP C 30 -26.11 20.36 -18.83
CA ASP C 30 -27.07 20.54 -19.91
C ASP C 30 -26.50 21.50 -20.94
N TYR C 31 -26.72 21.20 -22.21
CA TYR C 31 -26.28 22.06 -23.31
C TYR C 31 -27.41 22.23 -24.30
N ASP C 32 -27.82 23.48 -24.52
CA ASP C 32 -28.75 23.84 -25.59
C ASP C 32 -30.04 23.02 -25.51
N GLY C 33 -30.53 22.83 -24.28
CA GLY C 33 -31.80 22.15 -24.09
C GLY C 33 -31.67 20.69 -23.72
N ASP C 34 -30.71 19.99 -24.30
CA ASP C 34 -30.52 18.57 -24.02
C ASP C 34 -29.76 18.38 -22.72
N SER C 35 -30.13 17.33 -21.98
CA SER C 35 -29.43 16.96 -20.76
C SER C 35 -28.42 15.85 -21.07
N TYR C 36 -27.28 15.91 -20.41
CA TYR C 36 -26.23 14.92 -20.61
C TYR C 36 -25.81 14.29 -19.30
N MET C 37 -26.78 14.10 -18.41
CA MET C 37 -26.58 13.38 -17.17
C MET C 37 -27.18 11.99 -17.32
N ASN C 38 -26.42 10.96 -16.95
CA ASN C 38 -26.83 9.57 -17.10
C ASN C 38 -26.58 8.81 -15.82
N TRP C 39 -27.40 7.79 -15.57
CA TRP C 39 -27.31 6.97 -14.37
C TRP C 39 -27.04 5.53 -14.76
N TYR C 40 -26.16 4.87 -13.99
CA TYR C 40 -25.79 3.49 -14.23
C TYR C 40 -25.88 2.70 -12.94
N GLN C 41 -26.10 1.39 -13.09
CA GLN C 41 -26.08 0.44 -11.99
C GLN C 41 -24.96 -0.56 -12.24
N GLN C 42 -24.20 -0.88 -11.19
CA GLN C 42 -23.14 -1.87 -11.29
C GLN C 42 -23.24 -2.86 -10.14
N LYS C 43 -23.40 -4.11 -10.47
CA LYS C 43 -23.36 -5.23 -9.55
C LYS C 43 -21.97 -5.87 -9.57
N PRO C 44 -21.58 -6.55 -8.50
CA PRO C 44 -20.21 -7.06 -8.41
C PRO C 44 -19.84 -7.97 -9.58
N GLY C 45 -18.65 -7.73 -10.13
CA GLY C 45 -18.14 -8.54 -11.22
C GLY C 45 -18.77 -8.29 -12.57
N GLN C 46 -19.61 -7.27 -12.70
CA GLN C 46 -20.32 -6.96 -13.92
C GLN C 46 -19.97 -5.57 -14.40
N PRO C 47 -20.09 -5.29 -15.71
CA PRO C 47 -19.93 -3.92 -16.19
C PRO C 47 -21.11 -3.08 -15.77
N PRO C 48 -20.96 -1.75 -15.77
CA PRO C 48 -22.11 -0.89 -15.49
C PRO C 48 -23.19 -1.09 -16.52
N LYS C 49 -24.43 -0.84 -16.10
CA LYS C 49 -25.61 -0.98 -16.94
C LYS C 49 -26.37 0.33 -16.95
N LEU C 50 -26.66 0.85 -18.14
CA LEU C 50 -27.35 2.11 -18.26
C LEU C 50 -28.79 1.99 -17.75
N LEU C 51 -29.18 2.90 -16.85
CA LEU C 51 -30.52 2.96 -16.29
C LEU C 51 -31.32 4.12 -16.85
N ILE C 52 -30.79 5.33 -16.74
CA ILE C 52 -31.48 6.56 -17.13
C ILE C 52 -30.52 7.37 -17.99
N PHE C 53 -31.00 7.89 -19.12
CA PHE C 53 -30.21 8.77 -19.95
C PHE C 53 -30.91 10.11 -20.12
N ALA C 54 -30.11 11.16 -20.29
CA ALA C 54 -30.60 12.54 -20.40
C ALA C 54 -31.45 12.90 -19.19
N ALA C 55 -31.07 12.35 -18.04
CA ALA C 55 -31.51 12.70 -16.69
C ALA C 55 -32.93 12.24 -16.34
N SER C 56 -33.74 11.86 -17.33
CA SER C 56 -35.09 11.41 -17.00
C SER C 56 -35.61 10.29 -17.89
N ASN C 57 -34.87 9.84 -18.89
CA ASN C 57 -35.38 8.90 -19.87
C ASN C 57 -35.01 7.48 -19.46
N LEU C 58 -36.02 6.64 -19.31
CA LEU C 58 -35.82 5.26 -18.89
C LEU C 58 -35.27 4.46 -20.06
N GLU C 59 -34.10 3.86 -19.86
CA GLU C 59 -33.49 3.04 -20.90
C GLU C 59 -34.33 1.79 -21.16
N SER C 60 -34.46 1.44 -22.44
CA SER C 60 -35.24 0.27 -22.82
C SER C 60 -34.72 -0.99 -22.13
N GLY C 61 -35.64 -1.77 -21.57
CA GLY C 61 -35.29 -2.96 -20.83
C GLY C 61 -35.15 -2.76 -19.34
N ILE C 62 -35.09 -1.52 -18.86
CA ILE C 62 -35.00 -1.20 -17.44
C ILE C 62 -36.41 -1.07 -16.87
N PRO C 63 -36.73 -1.73 -15.77
CA PRO C 63 -38.09 -1.62 -15.21
C PRO C 63 -38.40 -0.20 -14.76
N ALA C 64 -39.67 0.15 -14.81
CA ALA C 64 -40.12 1.50 -14.47
C ALA C 64 -40.02 1.81 -12.99
N ARG C 65 -39.55 0.87 -12.16
CA ARG C 65 -39.23 1.21 -10.78
C ARG C 65 -38.14 2.27 -10.71
N PHE C 66 -37.29 2.34 -11.73
CA PHE C 66 -36.25 3.36 -11.80
C PHE C 66 -36.77 4.60 -12.50
N SER C 67 -36.43 5.76 -11.96
CA SER C 67 -36.79 7.03 -12.56
C SER C 67 -35.71 8.05 -12.21
N GLY C 68 -35.66 9.12 -13.00
CA GLY C 68 -34.69 10.17 -12.78
C GLY C 68 -35.30 11.53 -13.04
N SER C 69 -34.71 12.54 -12.40
CA SER C 69 -35.14 13.92 -12.56
C SER C 69 -33.96 14.85 -12.28
N GLY C 70 -34.12 16.10 -12.68
CA GLY C 70 -33.16 17.13 -12.39
C GLY C 70 -32.76 17.90 -13.64
N SER C 71 -32.02 18.99 -13.39
CA SER C 71 -31.52 19.85 -14.44
C SER C 71 -30.37 20.66 -13.88
N GLY C 72 -29.59 21.27 -14.79
CA GLY C 72 -28.51 22.12 -14.36
C GLY C 72 -27.42 21.37 -13.65
N THR C 73 -27.36 21.51 -12.32
CA THR C 73 -26.35 20.86 -11.51
C THR C 73 -26.92 19.91 -10.46
N ASP C 74 -28.24 19.73 -10.41
CA ASP C 74 -28.88 18.91 -9.38
C ASP C 74 -29.71 17.82 -10.05
N PHE C 75 -29.40 16.57 -9.75
CA PHE C 75 -30.04 15.43 -10.40
C PHE C 75 -30.34 14.36 -9.37
N THR C 76 -31.35 13.54 -9.67
CA THR C 76 -31.85 12.56 -8.72
C THR C 76 -32.15 11.25 -9.44
N LEU C 77 -31.76 10.14 -8.81
CA LEU C 77 -32.16 8.81 -9.23
C LEU C 77 -33.07 8.20 -8.17
N ASN C 78 -34.18 7.61 -8.61
CA ASN C 78 -35.16 7.02 -7.71
C ASN C 78 -35.36 5.55 -8.05
N ILE C 79 -35.47 4.72 -7.01
CA ILE C 79 -35.83 3.31 -7.14
C ILE C 79 -37.03 3.08 -6.25
N HIS C 80 -38.18 2.76 -6.85
CA HIS C 80 -39.37 2.56 -6.07
C HIS C 80 -40.32 1.59 -6.76
N PRO C 81 -40.67 0.46 -6.12
CA PRO C 81 -40.19 0.01 -4.80
C PRO C 81 -38.81 -0.61 -4.89
N VAL C 82 -38.00 -0.50 -3.84
CA VAL C 82 -36.71 -1.17 -3.81
C VAL C 82 -36.93 -2.67 -3.68
N GLU C 83 -36.17 -3.44 -4.46
CA GLU C 83 -36.26 -4.89 -4.44
C GLU C 83 -34.89 -5.48 -4.13
N GLU C 84 -34.89 -6.79 -3.81
CA GLU C 84 -33.64 -7.46 -3.49
C GLU C 84 -32.64 -7.40 -4.64
N GLU C 85 -33.13 -7.43 -5.89
CA GLU C 85 -32.22 -7.35 -7.03
C GLU C 85 -31.45 -6.04 -7.05
N ASP C 86 -31.99 -4.99 -6.44
CA ASP C 86 -31.44 -3.66 -6.61
C ASP C 86 -30.18 -3.41 -5.79
N ALA C 87 -29.76 -4.37 -4.97
CA ALA C 87 -28.51 -4.25 -4.24
C ALA C 87 -27.36 -4.08 -5.23
N ALA C 88 -26.74 -2.90 -5.24
CA ALA C 88 -25.73 -2.55 -6.24
C ALA C 88 -25.11 -1.20 -5.93
N THR C 89 -24.15 -0.79 -6.75
CA THR C 89 -23.58 0.55 -6.69
C THR C 89 -24.09 1.35 -7.89
N TYR C 90 -24.54 2.57 -7.63
CA TYR C 90 -25.18 3.41 -8.64
C TYR C 90 -24.32 4.65 -8.88
N TYR C 91 -24.09 4.96 -10.16
CA TYR C 91 -23.23 6.06 -10.57
C TYR C 91 -24.00 7.05 -11.43
N CYS C 92 -23.80 8.34 -11.16
CA CYS C 92 -24.17 9.36 -12.13
C CYS C 92 -22.98 9.63 -13.05
N GLN C 93 -23.26 10.28 -14.17
CA GLN C 93 -22.26 10.45 -15.21
C GLN C 93 -22.67 11.59 -16.13
N GLN C 94 -21.72 12.45 -16.47
CA GLN C 94 -21.98 13.59 -17.34
C GLN C 94 -21.25 13.39 -18.67
N SER C 95 -21.99 13.59 -19.77
CA SER C 95 -21.43 13.55 -21.11
C SER C 95 -21.45 14.92 -21.77
N ASN C 96 -21.51 15.98 -20.96
CA ASN C 96 -21.66 17.33 -21.50
C ASN C 96 -20.36 17.86 -22.08
N GLU C 97 -19.28 17.82 -21.31
CA GLU C 97 -17.99 18.36 -21.75
C GLU C 97 -16.89 17.33 -21.53
N ASP C 98 -15.93 17.34 -22.44
CA ASP C 98 -14.75 16.50 -22.28
C ASP C 98 -13.87 17.07 -21.16
N PRO C 99 -13.29 16.22 -20.31
CA PRO C 99 -13.43 14.76 -20.29
C PRO C 99 -14.73 14.32 -19.61
N TYR C 100 -15.36 13.26 -20.09
CA TYR C 100 -16.53 12.71 -19.40
C TYR C 100 -16.11 12.25 -18.01
N THR C 101 -17.02 12.39 -17.05
CA THR C 101 -16.70 12.05 -15.67
C THR C 101 -17.84 11.24 -15.06
N PHE C 102 -17.50 10.52 -14.00
CA PHE C 102 -18.44 9.73 -13.23
C PHE C 102 -18.52 10.26 -11.80
N GLY C 103 -19.67 10.11 -11.17
CA GLY C 103 -19.77 10.33 -9.75
C GLY C 103 -19.01 9.26 -8.98
N GLY C 104 -18.86 9.49 -7.68
CA GLY C 104 -18.13 8.55 -6.86
C GLY C 104 -18.86 7.26 -6.56
N GLY C 105 -20.15 7.18 -6.89
CA GLY C 105 -20.90 5.97 -6.66
C GLY C 105 -21.64 5.99 -5.34
N THR C 106 -22.76 5.26 -5.31
CA THR C 106 -23.57 5.12 -4.12
C THR C 106 -23.95 3.65 -3.98
N LYS C 107 -23.59 3.05 -2.85
CA LYS C 107 -23.91 1.65 -2.61
C LYS C 107 -25.27 1.55 -1.92
N LEU C 108 -26.21 0.87 -2.56
CA LEU C 108 -27.54 0.66 -2.02
C LEU C 108 -27.59 -0.69 -1.33
N GLU C 109 -27.85 -0.67 -0.03
CA GLU C 109 -28.04 -1.88 0.76
C GLU C 109 -29.54 -2.07 0.99
N ILE C 110 -29.99 -3.31 0.85
CA ILE C 110 -31.40 -3.64 1.06
C ILE C 110 -31.60 -4.02 2.53
N LYS C 111 -32.55 -3.36 3.18
CA LYS C 111 -32.84 -3.68 4.57
C LYS C 111 -33.62 -4.98 4.68
N ARG C 112 -33.39 -5.69 5.79
CA ARG C 112 -34.09 -6.93 6.06
C ARG C 112 -34.10 -7.13 7.57
N ALA C 113 -34.76 -8.19 8.01
CA ALA C 113 -34.80 -8.52 9.43
C ALA C 113 -33.41 -8.92 9.92
N ASP C 114 -33.14 -8.60 11.19
CA ASP C 114 -31.88 -9.02 11.80
C ASP C 114 -31.78 -10.53 11.82
N ALA C 115 -30.56 -11.04 11.61
CA ALA C 115 -30.35 -12.48 11.58
C ALA C 115 -28.98 -12.80 12.15
N ALA C 116 -28.92 -13.80 13.03
CA ALA C 116 -27.67 -14.27 13.60
C ALA C 116 -26.91 -15.08 12.57
N PRO C 117 -25.57 -15.10 12.65
CA PRO C 117 -24.79 -15.90 11.71
C PRO C 117 -24.85 -17.38 12.05
N THR C 118 -24.89 -18.20 11.00
CA THR C 118 -24.63 -19.63 11.15
C THR C 118 -23.12 -19.84 11.14
N VAL C 119 -22.58 -20.33 12.25
CA VAL C 119 -21.14 -20.44 12.44
C VAL C 119 -20.72 -21.88 12.25
N SER C 120 -19.68 -22.10 11.44
CA SER C 120 -19.13 -23.43 11.21
C SER C 120 -17.61 -23.33 11.19
N ILE C 121 -16.95 -24.28 11.87
CA ILE C 121 -15.50 -24.30 12.00
C ILE C 121 -14.97 -25.56 11.34
N PHE C 122 -13.80 -25.46 10.71
CA PHE C 122 -13.24 -26.56 9.96
C PHE C 122 -11.76 -26.74 10.31
N PRO C 123 -11.32 -27.95 10.61
CA PRO C 123 -9.91 -28.19 10.90
C PRO C 123 -9.10 -28.23 9.62
N PRO C 124 -7.78 -28.13 9.71
CA PRO C 124 -6.95 -28.30 8.51
C PRO C 124 -7.18 -29.67 7.89
N SER C 125 -7.16 -29.71 6.56
CA SER C 125 -7.30 -30.97 5.85
C SER C 125 -5.99 -31.76 5.92
N SER C 126 -6.11 -33.09 5.86
CA SER C 126 -4.91 -33.92 5.79
C SER C 126 -4.09 -33.58 4.56
N GLU C 127 -4.75 -33.20 3.46
CA GLU C 127 -4.03 -32.81 2.26
C GLU C 127 -3.07 -31.65 2.52
N GLN C 128 -3.56 -30.59 3.16
CA GLN C 128 -2.70 -29.44 3.44
C GLN C 128 -1.59 -29.79 4.42
N LEU C 129 -1.88 -30.65 5.39
CA LEU C 129 -0.89 -30.97 6.42
C LEU C 129 0.31 -31.71 5.82
N THR C 130 0.13 -32.42 4.71
CA THR C 130 1.26 -33.11 4.09
C THR C 130 2.30 -32.13 3.56
N SER C 131 1.94 -30.87 3.36
CA SER C 131 2.85 -29.86 2.86
C SER C 131 3.33 -28.89 3.94
N GLY C 132 3.07 -29.18 5.21
CA GLY C 132 3.58 -28.38 6.30
C GLY C 132 2.76 -27.16 6.67
N GLY C 133 1.64 -26.92 6.00
CA GLY C 133 0.78 -25.81 6.37
C GLY C 133 -0.47 -26.30 7.08
N ALA C 134 -1.17 -25.40 7.78
CA ALA C 134 -2.37 -25.78 8.52
C ALA C 134 -3.29 -24.57 8.62
N SER C 135 -4.37 -24.58 7.85
CA SER C 135 -5.32 -23.48 7.83
C SER C 135 -6.61 -23.90 8.53
N VAL C 136 -7.05 -23.08 9.49
CA VAL C 136 -8.30 -23.29 10.20
C VAL C 136 -9.30 -22.25 9.70
N VAL C 137 -10.47 -22.71 9.26
CA VAL C 137 -11.44 -21.87 8.57
C VAL C 137 -12.72 -21.82 9.37
N CYS C 138 -13.29 -20.61 9.49
CA CYS C 138 -14.56 -20.39 10.14
C CYS C 138 -15.48 -19.65 9.19
N PHE C 139 -16.70 -20.16 9.02
CA PHE C 139 -17.70 -19.52 8.18
C PHE C 139 -18.77 -18.88 9.07
N LEU C 140 -19.03 -17.60 8.84
CA LEU C 140 -20.10 -16.86 9.51
C LEU C 140 -21.08 -16.47 8.42
N ASN C 141 -22.18 -17.20 8.29
CA ASN C 141 -23.01 -17.15 7.09
C ASN C 141 -24.39 -16.61 7.39
N ASN C 142 -24.90 -15.79 6.47
CA ASN C 142 -26.30 -15.36 6.41
C ASN C 142 -26.73 -14.62 7.66
N PHE C 143 -26.03 -13.52 7.94
CA PHE C 143 -26.34 -12.66 9.06
C PHE C 143 -26.67 -11.25 8.57
N TYR C 144 -27.33 -10.48 9.43
CA TYR C 144 -27.67 -9.09 9.15
C TYR C 144 -27.82 -8.37 10.47
N PRO C 145 -27.27 -7.15 10.61
CA PRO C 145 -26.54 -6.35 9.62
C PRO C 145 -25.09 -6.82 9.41
N LYS C 146 -24.34 -6.11 8.56
CA LYS C 146 -23.06 -6.62 8.08
C LYS C 146 -21.98 -6.59 9.15
N ASP C 147 -22.08 -5.68 10.13
CA ASP C 147 -21.02 -5.53 11.10
C ASP C 147 -20.96 -6.75 12.03
N ILE C 148 -19.75 -7.28 12.21
CA ILE C 148 -19.53 -8.48 13.00
C ILE C 148 -18.04 -8.57 13.30
N ASN C 149 -17.70 -9.25 14.38
CA ASN C 149 -16.30 -9.51 14.70
C ASN C 149 -16.12 -10.96 15.09
N VAL C 150 -14.99 -11.53 14.70
CA VAL C 150 -14.66 -12.92 14.98
C VAL C 150 -13.42 -12.93 15.86
N LYS C 151 -13.44 -13.78 16.89
CA LYS C 151 -12.32 -13.97 17.80
C LYS C 151 -11.84 -15.40 17.68
N TRP C 152 -10.52 -15.58 17.57
CA TRP C 152 -9.92 -16.91 17.52
C TRP C 152 -9.26 -17.22 18.85
N LYS C 153 -9.56 -18.39 19.41
CA LYS C 153 -8.92 -18.87 20.63
C LYS C 153 -8.20 -20.18 20.35
N ILE C 154 -6.93 -20.25 20.73
CA ILE C 154 -6.15 -21.47 20.67
C ILE C 154 -5.90 -21.92 22.12
N ASP C 155 -6.45 -23.09 22.47
CA ASP C 155 -6.39 -23.60 23.84
C ASP C 155 -6.98 -22.61 24.84
N GLY C 156 -7.91 -21.77 24.38
CA GLY C 156 -8.52 -20.75 25.21
C GLY C 156 -7.81 -19.42 25.20
N SER C 157 -6.67 -19.30 24.53
CA SER C 157 -5.89 -18.07 24.51
C SER C 157 -6.13 -17.34 23.19
N GLU C 158 -6.31 -16.02 23.28
CA GLU C 158 -6.58 -15.19 22.11
C GLU C 158 -5.42 -15.24 21.11
N ARG C 159 -5.77 -15.29 19.83
CA ARG C 159 -4.79 -15.22 18.76
C ARG C 159 -5.31 -14.27 17.69
N GLN C 160 -4.51 -13.27 17.33
CA GLN C 160 -4.91 -12.28 16.33
C GLN C 160 -3.95 -12.18 15.15
N ASN C 161 -2.80 -12.84 15.19
CA ASN C 161 -1.87 -12.83 14.07
C ASN C 161 -2.15 -14.02 13.16
N GLY C 162 -2.01 -13.81 11.86
CA GLY C 162 -2.29 -14.86 10.90
C GLY C 162 -3.76 -15.08 10.61
N VAL C 163 -4.62 -14.11 10.94
CA VAL C 163 -6.05 -14.22 10.74
C VAL C 163 -6.43 -13.33 9.56
N LEU C 164 -7.16 -13.89 8.60
CA LEU C 164 -7.58 -13.16 7.41
C LEU C 164 -9.07 -13.35 7.20
N ASN C 165 -9.79 -12.24 6.98
CA ASN C 165 -11.23 -12.23 6.90
C ASN C 165 -11.69 -11.71 5.54
N SER C 166 -12.85 -12.18 5.10
CA SER C 166 -13.42 -11.77 3.82
C SER C 166 -14.93 -11.74 3.93
N TRP C 167 -15.52 -10.64 3.45
CA TRP C 167 -16.96 -10.42 3.46
C TRP C 167 -17.52 -10.60 2.06
N THR C 168 -18.63 -11.31 1.95
CA THR C 168 -19.35 -11.31 0.68
C THR C 168 -20.06 -9.97 0.50
N ASP C 169 -20.36 -9.65 -0.76
CA ASP C 169 -21.30 -8.59 -1.02
C ASP C 169 -22.68 -9.03 -0.53
N GLN C 170 -23.56 -8.05 -0.34
CA GLN C 170 -24.91 -8.37 0.12
C GLN C 170 -25.57 -9.33 -0.86
N ASP C 171 -26.20 -10.37 -0.32
CA ASP C 171 -26.85 -11.37 -1.14
C ASP C 171 -27.99 -10.72 -1.93
N SER C 172 -27.98 -10.94 -3.25
CA SER C 172 -29.00 -10.35 -4.12
C SER C 172 -30.36 -11.01 -3.97
N LYS C 173 -30.45 -12.13 -3.24
CA LYS C 173 -31.71 -12.85 -3.09
C LYS C 173 -32.34 -12.68 -1.71
N ASP C 174 -31.58 -12.81 -0.63
CA ASP C 174 -32.15 -12.70 0.71
C ASP C 174 -31.54 -11.59 1.55
N SER C 175 -30.70 -10.73 0.95
CA SER C 175 -30.20 -9.51 1.57
C SER C 175 -29.32 -9.76 2.79
N THR C 176 -28.83 -10.98 2.97
CA THR C 176 -27.94 -11.25 4.09
C THR C 176 -26.48 -11.02 3.69
N TYR C 177 -25.60 -11.09 4.68
CA TYR C 177 -24.16 -11.01 4.49
C TYR C 177 -23.53 -12.28 5.04
N SER C 178 -22.37 -12.62 4.50
CA SER C 178 -21.60 -13.76 4.98
C SER C 178 -20.14 -13.35 5.12
N MET C 179 -19.43 -14.07 5.99
CA MET C 179 -18.05 -13.75 6.31
C MET C 179 -17.26 -15.03 6.54
N SER C 180 -16.03 -15.06 6.02
CA SER C 180 -15.13 -16.18 6.25
C SER C 180 -13.88 -15.68 6.97
N SER C 181 -13.44 -16.45 7.96
CA SER C 181 -12.23 -16.14 8.71
C SER C 181 -11.30 -17.34 8.63
N THR C 182 -10.07 -17.10 8.17
CA THR C 182 -9.08 -18.16 8.01
C THR C 182 -7.89 -17.87 8.90
N LEU C 183 -7.55 -18.82 9.76
CA LEU C 183 -6.36 -18.75 10.60
C LEU C 183 -5.34 -19.74 10.05
N THR C 184 -4.20 -19.24 9.60
CA THR C 184 -3.17 -20.08 8.99
C THR C 184 -1.97 -20.20 9.93
N LEU C 185 -1.58 -21.43 10.21
CA LEU C 185 -0.43 -21.75 11.04
C LEU C 185 0.44 -22.76 10.30
N THR C 186 1.62 -23.03 10.85
CA THR C 186 2.40 -24.13 10.33
C THR C 186 1.86 -25.44 10.89
N LYS C 187 2.25 -26.54 10.25
CA LYS C 187 1.81 -27.86 10.71
C LYS C 187 2.31 -28.13 12.13
N ASP C 188 3.58 -27.82 12.39
CA ASP C 188 4.13 -28.03 13.73
C ASP C 188 3.42 -27.16 14.76
N GLU C 189 3.15 -25.90 14.41
CA GLU C 189 2.44 -25.01 15.32
C GLU C 189 1.03 -25.51 15.59
N TYR C 190 0.33 -25.99 14.56
CA TYR C 190 -1.02 -26.50 14.75
C TYR C 190 -1.03 -27.75 15.62
N GLU C 191 -0.06 -28.64 15.43
CA GLU C 191 -0.08 -29.93 16.11
C GLU C 191 0.38 -29.85 17.56
N ARG C 192 0.96 -28.73 18.00
CA ARG C 192 1.36 -28.58 19.38
C ARG C 192 0.23 -28.06 20.26
N HIS C 193 -0.91 -27.72 19.70
CA HIS C 193 -2.09 -27.29 20.44
C HIS C 193 -3.25 -28.22 20.13
N ASN C 194 -4.28 -28.16 20.96
CA ASN C 194 -5.39 -29.10 20.88
C ASN C 194 -6.74 -28.44 20.65
N SER C 195 -7.01 -27.30 21.27
CA SER C 195 -8.32 -26.66 21.21
C SER C 195 -8.27 -25.45 20.28
N TYR C 196 -9.19 -25.43 19.32
CA TYR C 196 -9.29 -24.32 18.37
C TYR C 196 -10.73 -23.84 18.33
N THR C 197 -10.92 -22.54 18.58
CA THR C 197 -12.24 -21.97 18.82
C THR C 197 -12.47 -20.77 17.93
N CYS C 198 -13.68 -20.67 17.38
CA CYS C 198 -14.11 -19.52 16.60
C CYS C 198 -15.29 -18.88 17.30
N GLU C 199 -15.19 -17.59 17.60
CA GLU C 199 -16.21 -16.86 18.34
C GLU C 199 -16.71 -15.69 17.50
N ALA C 200 -18.02 -15.65 17.26
CA ALA C 200 -18.65 -14.57 16.51
C ALA C 200 -19.54 -13.76 17.44
N THR C 201 -19.32 -12.45 17.47
CA THR C 201 -20.15 -11.54 18.26
C THR C 201 -20.93 -10.65 17.30
N HIS C 202 -22.25 -10.68 17.41
CA HIS C 202 -23.15 -9.97 16.51
C HIS C 202 -24.22 -9.28 17.36
N LYS C 203 -24.83 -8.25 16.79
CA LYS C 203 -25.84 -7.50 17.52
C LYS C 203 -27.06 -8.34 17.87
N THR C 204 -27.25 -9.49 17.22
CA THR C 204 -28.41 -10.32 17.46
C THR C 204 -28.39 -10.99 18.83
N SER C 205 -27.25 -11.00 19.52
CA SER C 205 -27.15 -11.63 20.82
C SER C 205 -26.04 -10.97 21.63
N THR C 206 -26.25 -10.86 22.94
CA THR C 206 -25.21 -10.36 23.83
C THR C 206 -24.12 -11.40 24.09
N SER C 207 -24.42 -12.68 23.85
CA SER C 207 -23.49 -13.79 24.03
C SER C 207 -22.96 -14.25 22.68
N PRO C 208 -21.64 -14.30 22.49
CA PRO C 208 -21.08 -14.74 21.21
C PRO C 208 -21.47 -16.18 20.88
N ILE C 209 -21.58 -16.45 19.59
CA ILE C 209 -21.76 -17.82 19.11
C ILE C 209 -20.38 -18.47 18.99
N VAL C 210 -20.23 -19.64 19.60
CA VAL C 210 -18.94 -20.29 19.77
C VAL C 210 -18.96 -21.65 19.07
N LYS C 211 -17.98 -21.87 18.20
CA LYS C 211 -17.76 -23.17 17.57
C LYS C 211 -16.31 -23.58 17.80
N SER C 212 -16.10 -24.86 18.09
CA SER C 212 -14.79 -25.33 18.51
C SER C 212 -14.59 -26.76 18.05
N PHE C 213 -13.32 -27.17 18.01
CA PHE C 213 -12.96 -28.57 17.80
C PHE C 213 -11.65 -28.85 18.50
N ASN C 214 -11.42 -30.12 18.79
CA ASN C 214 -10.17 -30.59 19.39
C ASN C 214 -9.42 -31.42 18.35
N ARG C 215 -8.12 -31.13 18.19
CA ARG C 215 -7.32 -31.84 17.19
C ARG C 215 -7.27 -33.34 17.48
N ASN C 216 -7.14 -33.71 18.75
CA ASN C 216 -7.11 -35.11 19.14
C ASN C 216 -8.46 -35.79 18.92
N PRO D 1 -28.59 -8.19 -32.05
CA PRO D 1 -28.31 -7.52 -30.77
C PRO D 1 -26.96 -6.81 -30.76
N VAL D 2 -26.90 -5.64 -30.12
CA VAL D 2 -25.63 -4.95 -29.97
C VAL D 2 -24.75 -5.70 -28.99
N GLN D 3 -23.53 -6.01 -29.39
CA GLN D 3 -22.61 -6.74 -28.53
C GLN D 3 -21.20 -6.19 -28.70
N LEU D 4 -20.52 -5.96 -27.57
CA LEU D 4 -19.12 -5.56 -27.54
C LEU D 4 -18.34 -6.67 -26.84
N GLN D 5 -17.47 -7.35 -27.58
CA GLN D 5 -16.71 -8.49 -27.08
C GLN D 5 -15.26 -8.07 -26.88
N GLN D 6 -14.78 -8.18 -25.64
CA GLN D 6 -13.44 -7.76 -25.28
C GLN D 6 -12.51 -8.96 -25.17
N SER D 7 -11.20 -8.68 -25.29
CA SER D 7 -10.20 -9.73 -25.23
C SER D 7 -10.00 -10.19 -23.78
N GLY D 8 -9.21 -11.26 -23.63
CA GLY D 8 -9.07 -11.91 -22.35
C GLY D 8 -8.11 -11.19 -21.43
N PRO D 9 -7.99 -11.73 -20.21
CA PRO D 9 -7.16 -11.07 -19.20
C PRO D 9 -5.69 -11.14 -19.53
N GLU D 10 -4.94 -10.18 -19.00
CA GLU D 10 -3.50 -10.07 -19.25
C GLU D 10 -2.77 -9.85 -17.94
N LEU D 11 -1.69 -10.59 -17.74
CA LEU D 11 -0.72 -10.34 -16.68
C LEU D 11 0.59 -9.94 -17.32
N VAL D 12 1.11 -8.78 -16.95
CA VAL D 12 2.35 -8.25 -17.53
C VAL D 12 3.23 -7.70 -16.42
N LYS D 13 4.53 -7.67 -16.69
CA LYS D 13 5.49 -7.05 -15.79
C LYS D 13 5.43 -5.53 -15.92
N PRO D 14 5.78 -4.81 -14.85
CA PRO D 14 5.77 -3.34 -14.95
C PRO D 14 6.69 -2.84 -16.05
N GLY D 15 6.24 -1.79 -16.74
CA GLY D 15 6.97 -1.24 -17.87
C GLY D 15 6.67 -1.87 -19.21
N ALA D 16 5.82 -2.89 -19.26
CA ALA D 16 5.51 -3.59 -20.49
C ALA D 16 4.37 -2.89 -21.24
N SER D 17 3.95 -3.49 -22.35
CA SER D 17 2.86 -2.97 -23.17
C SER D 17 1.75 -4.00 -23.26
N VAL D 18 0.51 -3.53 -23.27
CA VAL D 18 -0.66 -4.39 -23.47
C VAL D 18 -1.59 -3.72 -24.46
N ARG D 19 -2.12 -4.51 -25.39
CA ARG D 19 -3.11 -4.05 -26.36
C ARG D 19 -4.34 -4.93 -26.23
N ILE D 20 -5.46 -4.33 -25.79
CA ILE D 20 -6.70 -5.06 -25.58
C ILE D 20 -7.71 -4.63 -26.64
N SER D 21 -8.55 -5.57 -27.05
CA SER D 21 -9.46 -5.36 -28.17
C SER D 21 -10.91 -5.33 -27.69
N CYS D 22 -11.78 -4.84 -28.58
CA CYS D 22 -13.21 -4.70 -28.30
C CYS D 22 -13.93 -4.86 -29.63
N LYS D 23 -14.43 -6.07 -29.89
CA LYS D 23 -15.10 -6.38 -31.15
C LYS D 23 -16.58 -6.00 -31.05
N ALA D 24 -17.03 -5.18 -31.99
CA ALA D 24 -18.40 -4.70 -32.02
C ALA D 24 -19.22 -5.46 -33.05
N SER D 25 -20.49 -5.66 -32.75
CA SER D 25 -21.41 -6.30 -33.67
C SER D 25 -22.83 -5.88 -33.32
N GLY D 26 -23.73 -6.06 -34.29
CA GLY D 26 -25.13 -5.74 -34.11
C GLY D 26 -25.54 -4.32 -34.45
N TYR D 27 -24.61 -3.49 -34.92
CA TYR D 27 -24.93 -2.11 -35.28
C TYR D 27 -23.89 -1.61 -36.27
N THR D 28 -24.11 -0.39 -36.77
CA THR D 28 -23.17 0.24 -37.70
C THR D 28 -22.01 0.82 -36.90
N PHE D 29 -20.83 0.23 -37.07
CA PHE D 29 -19.69 0.53 -36.21
C PHE D 29 -19.32 2.02 -36.26
N THR D 30 -19.43 2.63 -37.43
CA THR D 30 -18.95 4.00 -37.63
C THR D 30 -19.95 5.05 -37.17
N ARG D 31 -21.13 4.66 -36.69
CA ARG D 31 -22.12 5.62 -36.22
C ARG D 31 -22.03 5.91 -34.73
N TYR D 32 -21.17 5.22 -33.99
CA TYR D 32 -21.12 5.34 -32.54
C TYR D 32 -19.69 5.51 -32.07
N ASN D 33 -19.49 6.42 -31.13
CA ASN D 33 -18.21 6.54 -30.45
C ASN D 33 -17.95 5.29 -29.62
N ILE D 34 -16.67 4.98 -29.41
CA ILE D 34 -16.26 3.92 -28.50
C ILE D 34 -15.45 4.57 -27.39
N HIS D 35 -15.90 4.36 -26.15
CA HIS D 35 -15.22 4.88 -24.97
C HIS D 35 -14.49 3.75 -24.25
N TRP D 36 -13.51 4.13 -23.44
CA TRP D 36 -12.81 3.20 -22.59
C TRP D 36 -12.84 3.71 -21.16
N VAL D 37 -13.15 2.82 -20.22
CA VAL D 37 -13.34 3.17 -18.81
C VAL D 37 -12.49 2.24 -17.97
N LYS D 38 -11.86 2.79 -16.94
CA LYS D 38 -10.96 2.06 -16.06
C LYS D 38 -11.60 1.93 -14.67
N GLN D 39 -11.51 0.74 -14.09
CA GLN D 39 -12.00 0.50 -12.74
C GLN D 39 -10.94 -0.25 -11.95
N ARG D 40 -10.23 0.46 -11.08
CA ARG D 40 -9.27 -0.18 -10.19
C ARG D 40 -10.02 -1.04 -9.17
N PRO D 41 -9.39 -2.11 -8.67
CA PRO D 41 -10.10 -3.04 -7.77
C PRO D 41 -10.67 -2.32 -6.56
N GLY D 42 -11.98 -2.47 -6.37
CA GLY D 42 -12.69 -1.87 -5.26
C GLY D 42 -13.00 -0.39 -5.42
N GLN D 43 -12.65 0.21 -6.54
CA GLN D 43 -12.81 1.64 -6.76
C GLN D 43 -13.92 1.91 -7.76
N GLY D 44 -14.11 3.19 -8.08
CA GLY D 44 -15.14 3.63 -9.00
C GLY D 44 -14.67 3.60 -10.43
N LEU D 45 -15.42 4.31 -11.28
CA LEU D 45 -15.16 4.34 -12.71
C LEU D 45 -14.46 5.65 -13.08
N GLU D 46 -13.40 5.54 -13.86
CA GLU D 46 -12.70 6.70 -14.40
C GLU D 46 -12.68 6.59 -15.92
N TRP D 47 -12.99 7.70 -16.59
CA TRP D 47 -13.13 7.75 -18.03
C TRP D 47 -11.78 8.02 -18.68
N ILE D 48 -11.43 7.21 -19.68
CA ILE D 48 -10.12 7.28 -20.33
C ILE D 48 -10.16 8.14 -21.58
N GLY D 49 -11.13 7.89 -22.47
CA GLY D 49 -11.22 8.63 -23.70
C GLY D 49 -12.20 7.97 -24.65
N TRP D 50 -12.45 8.64 -25.76
CA TRP D 50 -13.31 8.10 -26.80
C TRP D 50 -12.60 8.18 -28.14
N ILE D 51 -13.04 7.32 -29.05
CA ILE D 51 -12.61 7.34 -30.45
C ILE D 51 -13.85 7.23 -31.32
N TYR D 52 -13.93 8.09 -32.34
CA TYR D 52 -15.00 7.99 -33.33
C TYR D 52 -14.48 7.16 -34.49
N PRO D 53 -14.97 5.94 -34.70
CA PRO D 53 -14.43 5.10 -35.79
C PRO D 53 -14.76 5.62 -37.18
N GLY D 54 -15.63 6.62 -37.31
CA GLY D 54 -15.91 7.18 -38.62
C GLY D 54 -14.70 7.84 -39.23
N ASP D 55 -13.99 8.66 -38.45
CA ASP D 55 -12.83 9.39 -38.94
C ASP D 55 -11.55 9.12 -38.14
N GLY D 56 -11.64 8.43 -37.01
CA GLY D 56 -10.48 8.19 -36.17
C GLY D 56 -10.18 9.26 -35.15
N ASN D 57 -10.98 10.33 -35.10
CA ASN D 57 -10.75 11.39 -34.13
C ASN D 57 -10.90 10.86 -32.71
N THR D 58 -10.06 11.36 -31.81
CA THR D 58 -10.04 10.92 -30.43
C THR D 58 -9.97 12.11 -29.49
N PHE D 59 -10.53 11.93 -28.29
CA PHE D 59 -10.24 12.77 -27.15
C PHE D 59 -9.72 11.88 -26.03
N TYR D 60 -8.65 12.31 -25.39
CA TYR D 60 -8.06 11.58 -24.27
C TYR D 60 -8.20 12.40 -23.00
N ASN D 61 -8.64 11.76 -21.93
CA ASN D 61 -8.47 12.35 -20.61
C ASN D 61 -6.99 12.63 -20.39
N GLU D 62 -6.68 13.84 -19.93
CA GLU D 62 -5.28 14.24 -19.80
C GLU D 62 -4.53 13.33 -18.83
N LYS D 63 -5.23 12.74 -17.87
CA LYS D 63 -4.61 11.80 -16.95
C LYS D 63 -4.02 10.60 -17.68
N PHE D 64 -4.60 10.23 -18.83
CA PHE D 64 -4.17 9.06 -19.58
C PHE D 64 -3.48 9.42 -20.89
N LYS D 65 -3.35 10.70 -21.21
CA LYS D 65 -2.73 11.10 -22.46
C LYS D 65 -1.27 10.66 -22.48
N GLY D 66 -0.85 10.04 -23.59
CA GLY D 66 0.47 9.48 -23.70
C GLY D 66 0.65 8.14 -23.04
N LYS D 67 -0.34 7.67 -22.28
CA LYS D 67 -0.32 6.34 -21.68
C LYS D 67 -1.26 5.37 -22.36
N ALA D 68 -2.32 5.87 -23.00
CA ALA D 68 -3.27 5.04 -23.74
C ALA D 68 -3.37 5.55 -25.16
N THR D 69 -3.49 4.61 -26.11
CA THR D 69 -3.66 4.94 -27.51
C THR D 69 -4.87 4.19 -28.05
N LEU D 70 -5.87 4.92 -28.52
CA LEU D 70 -7.12 4.35 -29.01
C LEU D 70 -7.08 4.28 -30.53
N THR D 71 -7.31 3.08 -31.07
CA THR D 71 -7.39 2.87 -32.51
C THR D 71 -8.61 1.99 -32.82
N ALA D 72 -9.02 2.02 -34.08
CA ALA D 72 -10.17 1.23 -34.51
C ALA D 72 -10.06 0.94 -36.00
N ASP D 73 -10.35 -0.31 -36.37
CA ASP D 73 -10.42 -0.71 -37.77
C ASP D 73 -11.88 -0.78 -38.19
N LYS D 74 -12.24 -0.04 -39.24
CA LYS D 74 -13.60 -0.12 -39.76
C LYS D 74 -13.86 -1.49 -40.38
N SER D 75 -12.85 -2.08 -41.02
CA SER D 75 -13.02 -3.38 -41.66
C SER D 75 -13.36 -4.47 -40.64
N SER D 76 -12.67 -4.46 -39.50
CA SER D 76 -12.85 -5.50 -38.49
C SER D 76 -13.92 -5.17 -37.46
N SER D 77 -14.45 -3.95 -37.44
CA SER D 77 -15.38 -3.50 -36.41
C SER D 77 -14.80 -3.73 -35.01
N THR D 78 -13.51 -3.45 -34.85
CA THR D 78 -12.80 -3.69 -33.61
C THR D 78 -12.13 -2.41 -33.14
N ALA D 79 -12.32 -2.07 -31.87
CA ALA D 79 -11.64 -0.96 -31.24
C ALA D 79 -10.50 -1.50 -30.37
N TYR D 80 -9.40 -0.77 -30.35
CA TYR D 80 -8.21 -1.19 -29.61
C TYR D 80 -7.76 -0.08 -28.67
N MET D 81 -7.25 -0.49 -27.51
CA MET D 81 -6.58 0.42 -26.59
C MET D 81 -5.23 -0.17 -26.25
N GLN D 82 -4.17 0.60 -26.47
CA GLN D 82 -2.81 0.20 -26.11
C GLN D 82 -2.40 0.98 -24.87
N LEU D 83 -2.00 0.25 -23.84
CA LEU D 83 -1.52 0.85 -22.59
C LEU D 83 -0.03 0.60 -22.47
N SER D 84 0.73 1.66 -22.24
CA SER D 84 2.19 1.60 -22.25
C SER D 84 2.76 2.08 -20.92
N SER D 85 4.01 1.69 -20.67
CA SER D 85 4.73 2.06 -19.45
C SER D 85 3.90 1.73 -18.21
N LEU D 86 3.47 0.48 -18.12
CA LEU D 86 2.54 0.08 -17.08
C LEU D 86 3.23 0.00 -15.72
N THR D 87 2.54 0.48 -14.70
CA THR D 87 2.95 0.33 -13.32
C THR D 87 1.89 -0.48 -12.57
N SER D 88 2.24 -0.90 -11.35
CA SER D 88 1.35 -1.76 -10.57
C SER D 88 0.02 -1.09 -10.30
N GLU D 89 -0.01 0.24 -10.22
CA GLU D 89 -1.26 0.96 -9.99
C GLU D 89 -2.08 1.12 -11.27
N ASP D 90 -1.57 0.67 -12.42
CA ASP D 90 -2.38 0.55 -13.62
C ASP D 90 -3.19 -0.73 -13.65
N SER D 91 -3.05 -1.58 -12.64
CA SER D 91 -3.83 -2.81 -12.57
C SER D 91 -5.30 -2.48 -12.36
N ALA D 92 -6.14 -2.86 -13.31
CA ALA D 92 -7.56 -2.54 -13.23
C ALA D 92 -8.31 -3.36 -14.27
N VAL D 93 -9.63 -3.32 -14.17
CA VAL D 93 -10.51 -3.81 -15.23
C VAL D 93 -10.78 -2.66 -16.19
N TYR D 94 -10.60 -2.91 -17.48
CA TYR D 94 -10.81 -1.89 -18.50
C TYR D 94 -12.03 -2.27 -19.34
N PHE D 95 -13.00 -1.37 -19.40
CA PHE D 95 -14.23 -1.57 -20.14
C PHE D 95 -14.19 -0.76 -21.43
N CYS D 96 -14.75 -1.33 -22.49
CA CYS D 96 -15.12 -0.58 -23.67
C CYS D 96 -16.63 -0.41 -23.69
N THR D 97 -17.08 0.71 -24.25
CA THR D 97 -18.50 1.00 -24.31
C THR D 97 -18.73 1.97 -25.46
N ARG D 98 -20.00 2.06 -25.88
CA ARG D 98 -20.35 2.89 -27.01
C ARG D 98 -21.36 3.97 -26.62
N SER D 99 -21.39 5.04 -27.40
CA SER D 99 -22.36 6.11 -27.22
C SER D 99 -22.69 6.70 -28.59
N TYR D 100 -23.94 7.13 -28.74
CA TYR D 100 -24.36 7.71 -30.02
C TYR D 100 -23.67 9.04 -30.27
N SER D 101 -23.22 9.24 -31.51
CA SER D 101 -22.44 10.42 -31.84
C SER D 101 -23.26 11.70 -31.73
N GLU D 102 -24.45 11.73 -32.34
CA GLU D 102 -25.24 12.94 -32.41
C GLU D 102 -25.93 13.19 -31.06
N SER D 103 -26.64 14.33 -30.99
CA SER D 103 -27.33 14.74 -29.78
C SER D 103 -28.66 14.02 -29.64
N GLY D 104 -29.25 14.14 -28.44
CA GLY D 104 -30.61 13.70 -28.19
C GLY D 104 -30.74 12.52 -27.24
N GLN D 105 -29.67 11.77 -27.00
CA GLN D 105 -29.75 10.59 -26.13
C GLN D 105 -28.76 10.68 -24.97
N GLY D 106 -28.34 11.89 -24.61
CA GLY D 106 -27.46 12.09 -23.47
C GLY D 106 -26.01 11.69 -23.69
N HIS D 107 -25.65 11.29 -24.91
CA HIS D 107 -24.35 10.69 -25.19
C HIS D 107 -24.07 9.55 -24.20
N ALA D 108 -25.12 8.80 -23.87
CA ALA D 108 -25.03 7.79 -22.83
C ALA D 108 -24.32 6.55 -23.34
N MET D 109 -23.65 5.86 -22.42
CA MET D 109 -22.95 4.61 -22.72
C MET D 109 -23.96 3.47 -22.53
N ASP D 110 -24.67 3.13 -23.60
CA ASP D 110 -25.81 2.24 -23.50
C ASP D 110 -25.45 0.76 -23.56
N TYR D 111 -24.31 0.41 -24.17
CA TYR D 111 -23.87 -0.97 -24.23
C TYR D 111 -22.41 -1.04 -23.80
N TRP D 112 -22.06 -2.11 -23.08
CA TRP D 112 -20.76 -2.25 -22.47
C TRP D 112 -20.16 -3.62 -22.78
N GLY D 113 -18.85 -3.64 -22.97
CA GLY D 113 -18.12 -4.89 -22.99
C GLY D 113 -18.03 -5.48 -21.59
N GLN D 114 -17.65 -6.76 -21.54
CA GLN D 114 -17.56 -7.45 -20.27
C GLN D 114 -16.34 -7.01 -19.45
N GLY D 115 -15.43 -6.26 -20.04
CA GLY D 115 -14.25 -5.83 -19.29
C GLY D 115 -13.06 -6.75 -19.50
N THR D 116 -11.87 -6.16 -19.44
CA THR D 116 -10.62 -6.89 -19.55
C THR D 116 -9.79 -6.60 -18.30
N SER D 117 -9.46 -7.66 -17.57
CA SER D 117 -8.62 -7.51 -16.38
C SER D 117 -7.15 -7.49 -16.78
N VAL D 118 -6.45 -6.44 -16.38
CA VAL D 118 -5.03 -6.29 -16.63
C VAL D 118 -4.35 -6.16 -15.28
N THR D 119 -3.52 -7.15 -14.92
CA THR D 119 -2.72 -7.10 -13.72
C THR D 119 -1.28 -6.78 -14.09
N VAL D 120 -0.73 -5.73 -13.46
CA VAL D 120 0.65 -5.33 -13.67
C VAL D 120 1.43 -5.71 -12.42
N SER D 121 2.25 -6.75 -12.52
CA SER D 121 2.97 -7.25 -11.36
C SER D 121 4.18 -8.03 -11.82
N SER D 122 5.21 -8.04 -10.98
CA SER D 122 6.36 -8.91 -11.16
C SER D 122 6.22 -10.22 -10.39
N ALA D 123 5.13 -10.41 -9.66
CA ALA D 123 4.89 -11.67 -8.98
C ALA D 123 4.62 -12.78 -9.99
N LYS D 124 5.05 -14.00 -9.64
CA LYS D 124 4.97 -15.11 -10.57
C LYS D 124 3.61 -15.77 -10.54
N THR D 125 3.17 -16.25 -11.71
CA THR D 125 1.93 -17.00 -11.80
C THR D 125 2.03 -18.28 -10.96
N THR D 126 1.04 -18.49 -10.10
CA THR D 126 1.05 -19.62 -9.19
C THR D 126 -0.30 -20.32 -9.22
N ALA D 127 -0.28 -21.63 -9.48
CA ALA D 127 -1.50 -22.41 -9.39
C ALA D 127 -1.91 -22.55 -7.92
N PRO D 128 -3.21 -22.56 -7.63
CA PRO D 128 -3.64 -22.73 -6.24
C PRO D 128 -3.60 -24.19 -5.80
N SER D 129 -3.62 -24.37 -4.48
CA SER D 129 -3.92 -25.66 -3.87
C SER D 129 -5.36 -25.63 -3.39
N VAL D 130 -6.10 -26.68 -3.68
CA VAL D 130 -7.51 -26.77 -3.32
C VAL D 130 -7.66 -27.81 -2.22
N TYR D 131 -8.17 -27.37 -1.07
CA TYR D 131 -8.28 -28.23 0.09
C TYR D 131 -9.74 -28.37 0.51
N PRO D 132 -10.13 -29.53 1.02
CA PRO D 132 -11.52 -29.71 1.46
C PRO D 132 -11.78 -29.12 2.83
N LEU D 133 -13.01 -28.66 3.03
CA LEU D 133 -13.48 -28.17 4.32
C LEU D 133 -14.65 -29.07 4.73
N ALA D 134 -14.40 -29.97 5.68
CA ALA D 134 -15.38 -30.94 6.14
C ALA D 134 -15.43 -30.93 7.66
N PRO D 135 -16.60 -31.18 8.25
CA PRO D 135 -16.72 -31.13 9.71
C PRO D 135 -15.89 -32.21 10.39
N VAL D 136 -15.43 -31.89 11.59
CA VAL D 136 -14.62 -32.82 12.39
C VAL D 136 -15.47 -33.99 12.86
N GLY D 142 -27.26 -31.57 13.07
CA GLY D 142 -28.41 -30.76 12.73
C GLY D 142 -29.09 -31.19 11.45
N SER D 143 -30.07 -30.40 10.99
CA SER D 143 -30.79 -30.72 9.77
C SER D 143 -30.02 -30.29 8.51
N SER D 144 -29.00 -29.46 8.66
CA SER D 144 -28.19 -29.01 7.53
C SER D 144 -26.72 -29.12 7.88
N VAL D 145 -25.89 -29.26 6.85
CA VAL D 145 -24.44 -29.37 7.01
C VAL D 145 -23.78 -28.40 6.04
N THR D 146 -22.73 -27.73 6.51
CA THR D 146 -21.97 -26.79 5.70
C THR D 146 -20.61 -27.41 5.37
N LEU D 147 -20.31 -27.48 4.08
CA LEU D 147 -19.01 -27.91 3.58
C LEU D 147 -18.32 -26.73 2.92
N GLY D 148 -17.11 -26.96 2.45
CA GLY D 148 -16.39 -25.86 1.82
C GLY D 148 -15.18 -26.34 1.06
N CYS D 149 -14.62 -25.43 0.26
CA CYS D 149 -13.38 -25.64 -0.45
C CYS D 149 -12.48 -24.43 -0.20
N LEU D 150 -11.23 -24.70 0.16
CA LEU D 150 -10.24 -23.67 0.42
C LEU D 150 -9.27 -23.62 -0.75
N VAL D 151 -9.26 -22.49 -1.46
CA VAL D 151 -8.41 -22.29 -2.64
C VAL D 151 -7.29 -21.35 -2.21
N LYS D 152 -6.10 -21.90 -2.01
CA LYS D 152 -5.02 -21.21 -1.32
C LYS D 152 -3.81 -21.01 -2.22
N GLY D 153 -3.25 -19.80 -2.20
CA GLY D 153 -1.96 -19.53 -2.78
C GLY D 153 -1.91 -19.50 -4.30
N TYR D 154 -2.68 -18.62 -4.92
CA TYR D 154 -2.66 -18.48 -6.37
C TYR D 154 -2.41 -17.03 -6.74
N PHE D 155 -1.89 -16.85 -7.95
CA PHE D 155 -1.67 -15.53 -8.54
C PHE D 155 -1.61 -15.71 -10.04
N PRO D 156 -2.20 -14.80 -10.83
CA PRO D 156 -2.99 -13.64 -10.42
C PRO D 156 -4.46 -13.97 -10.28
N GLU D 157 -5.28 -12.96 -9.98
CA GLU D 157 -6.72 -13.12 -10.08
C GLU D 157 -7.11 -13.28 -11.55
N PRO D 158 -8.25 -13.92 -11.84
CA PRO D 158 -9.22 -14.50 -10.92
C PRO D 158 -9.19 -16.02 -10.89
N VAL D 159 -10.03 -16.60 -10.03
CA VAL D 159 -10.40 -18.00 -10.12
C VAL D 159 -11.91 -18.07 -10.18
N THR D 160 -12.42 -19.13 -10.82
CA THR D 160 -13.85 -19.44 -10.80
C THR D 160 -14.06 -20.70 -10.00
N LEU D 161 -15.17 -20.76 -9.28
CA LEU D 161 -15.51 -21.90 -8.45
C LEU D 161 -16.98 -22.23 -8.64
N THR D 162 -17.28 -23.50 -8.90
CA THR D 162 -18.64 -24.00 -8.94
C THR D 162 -18.73 -25.21 -8.03
N TRP D 163 -19.96 -25.62 -7.74
CA TRP D 163 -20.23 -26.84 -6.98
C TRP D 163 -21.03 -27.78 -7.85
N ASN D 164 -20.56 -29.03 -7.97
CA ASN D 164 -21.19 -30.04 -8.80
C ASN D 164 -21.36 -29.57 -10.24
N SER D 165 -20.26 -29.06 -10.81
CA SER D 165 -20.19 -28.61 -12.20
C SER D 165 -21.19 -27.48 -12.48
N GLY D 166 -21.55 -26.73 -11.44
CA GLY D 166 -22.51 -25.65 -11.56
C GLY D 166 -23.94 -26.05 -11.33
N SER D 167 -24.23 -27.34 -11.22
CA SER D 167 -25.61 -27.77 -10.96
C SER D 167 -26.06 -27.36 -9.57
N LEU D 168 -25.16 -27.41 -8.59
CA LEU D 168 -25.49 -27.05 -7.21
C LEU D 168 -25.16 -25.58 -7.02
N SER D 169 -26.19 -24.73 -7.02
CA SER D 169 -26.01 -23.29 -6.93
C SER D 169 -26.67 -22.66 -5.72
N SER D 170 -27.60 -23.35 -5.06
CA SER D 170 -28.25 -22.82 -3.87
C SER D 170 -27.39 -23.04 -2.64
N GLY D 171 -27.52 -22.13 -1.68
CA GLY D 171 -26.77 -22.23 -0.43
C GLY D 171 -25.27 -22.17 -0.61
N VAL D 172 -24.78 -21.39 -1.57
CA VAL D 172 -23.36 -21.30 -1.88
C VAL D 172 -22.90 -19.88 -1.56
N HIS D 173 -21.77 -19.78 -0.85
CA HIS D 173 -21.12 -18.50 -0.58
C HIS D 173 -19.67 -18.62 -1.02
N THR D 174 -19.31 -17.95 -2.11
CA THR D 174 -17.93 -17.87 -2.56
C THR D 174 -17.35 -16.53 -2.13
N PHE D 175 -16.33 -16.56 -1.28
CA PHE D 175 -15.90 -15.30 -0.69
C PHE D 175 -14.82 -14.65 -1.54
N PRO D 176 -14.82 -13.31 -1.62
CA PRO D 176 -13.80 -12.62 -2.42
C PRO D 176 -12.41 -12.95 -1.91
N ALA D 177 -11.47 -13.05 -2.85
CA ALA D 177 -10.10 -13.40 -2.50
C ALA D 177 -9.45 -12.29 -1.68
N VAL D 178 -8.50 -12.69 -0.84
CA VAL D 178 -7.67 -11.76 -0.08
C VAL D 178 -6.23 -12.02 -0.46
N LEU D 179 -5.48 -10.94 -0.70
CA LEU D 179 -4.10 -11.04 -1.15
C LEU D 179 -3.17 -11.08 0.04
N GLN D 180 -2.19 -11.99 0.00
CA GLN D 180 -1.20 -12.10 1.06
C GLN D 180 0.06 -12.74 0.49
N SER D 181 1.21 -12.14 0.76
CA SER D 181 2.51 -12.65 0.30
C SER D 181 2.53 -12.87 -1.20
N ASP D 182 2.01 -11.90 -1.95
CA ASP D 182 1.89 -11.97 -3.41
C ASP D 182 1.06 -13.15 -3.88
N LEU D 183 0.19 -13.68 -3.00
CA LEU D 183 -0.66 -14.82 -3.35
C LEU D 183 -2.07 -14.57 -2.84
N TYR D 184 -3.05 -15.07 -3.59
CA TYR D 184 -4.44 -14.95 -3.23
C TYR D 184 -4.93 -16.23 -2.58
N THR D 185 -5.91 -16.07 -1.67
CA THR D 185 -6.59 -17.20 -1.07
C THR D 185 -8.07 -16.86 -0.99
N LEU D 186 -8.92 -17.81 -1.40
CA LEU D 186 -10.35 -17.67 -1.17
C LEU D 186 -10.92 -19.00 -0.73
N SER D 187 -12.13 -18.93 -0.18
CA SER D 187 -12.88 -20.12 0.20
C SER D 187 -14.30 -19.99 -0.32
N SER D 188 -14.97 -21.12 -0.41
CA SER D 188 -16.38 -21.15 -0.76
C SER D 188 -17.07 -22.15 0.16
N SER D 189 -18.26 -21.78 0.62
CA SER D 189 -19.07 -22.66 1.45
C SER D 189 -20.32 -23.07 0.68
N VAL D 190 -20.71 -24.33 0.86
CA VAL D 190 -21.98 -24.83 0.35
C VAL D 190 -22.70 -25.51 1.50
N THR D 191 -24.00 -25.23 1.64
CA THR D 191 -24.82 -25.77 2.71
C THR D 191 -25.93 -26.61 2.11
N VAL D 192 -26.03 -27.87 2.55
CA VAL D 192 -27.05 -28.80 2.08
C VAL D 192 -27.67 -29.47 3.29
N THR D 193 -28.76 -30.20 3.06
CA THR D 193 -29.38 -30.96 4.13
C THR D 193 -28.46 -32.10 4.58
N SER D 194 -28.61 -32.50 5.85
CA SER D 194 -27.77 -33.56 6.39
C SER D 194 -27.98 -34.87 5.64
N SER D 195 -29.17 -35.10 5.09
CA SER D 195 -29.39 -36.29 4.29
C SER D 195 -28.68 -36.23 2.94
N THR D 196 -28.28 -35.04 2.49
CA THR D 196 -27.60 -34.92 1.22
C THR D 196 -26.14 -35.38 1.30
N TRP D 197 -25.44 -35.02 2.37
CA TRP D 197 -24.05 -35.36 2.52
C TRP D 197 -23.84 -36.08 3.86
N PRO D 198 -23.01 -37.14 3.89
CA PRO D 198 -22.11 -37.65 2.85
C PRO D 198 -22.76 -38.65 1.89
N SER D 199 -24.08 -38.80 1.89
CA SER D 199 -24.71 -39.80 1.05
C SER D 199 -24.54 -39.48 -0.43
N GLN D 200 -24.61 -38.20 -0.80
CA GLN D 200 -24.45 -37.77 -2.19
C GLN D 200 -23.08 -37.12 -2.38
N SER D 201 -22.66 -37.07 -3.64
CA SER D 201 -21.37 -36.49 -3.98
C SER D 201 -21.46 -34.97 -4.01
N ILE D 202 -20.54 -34.31 -3.29
CA ILE D 202 -20.43 -32.86 -3.27
C ILE D 202 -19.01 -32.50 -3.68
N THR D 203 -18.87 -31.78 -4.78
CA THR D 203 -17.57 -31.49 -5.37
C THR D 203 -17.49 -30.04 -5.78
N CYS D 204 -16.41 -29.36 -5.38
CA CYS D 204 -16.12 -28.03 -5.88
C CYS D 204 -15.21 -28.13 -7.10
N ASN D 205 -15.53 -27.35 -8.12
CA ASN D 205 -14.73 -27.30 -9.34
C ASN D 205 -14.04 -25.95 -9.39
N VAL D 206 -12.71 -25.97 -9.44
CA VAL D 206 -11.89 -24.78 -9.32
C VAL D 206 -11.11 -24.59 -10.62
N ALA D 207 -11.20 -23.39 -11.19
CA ALA D 207 -10.46 -23.04 -12.39
C ALA D 207 -9.62 -21.80 -12.14
N HIS D 208 -8.35 -21.86 -12.52
CA HIS D 208 -7.43 -20.72 -12.47
C HIS D 208 -6.79 -20.63 -13.84
N PRO D 209 -7.43 -19.94 -14.78
CA PRO D 209 -6.97 -19.99 -16.18
C PRO D 209 -5.54 -19.53 -16.39
N ALA D 210 -5.05 -18.60 -15.58
CA ALA D 210 -3.70 -18.08 -15.79
C ALA D 210 -2.64 -19.16 -15.63
N SER D 211 -2.87 -20.13 -14.75
CA SER D 211 -1.99 -21.28 -14.61
C SER D 211 -2.55 -22.51 -15.31
N SER D 212 -3.58 -22.34 -16.14
CA SER D 212 -4.27 -23.45 -16.81
C SER D 212 -4.68 -24.53 -15.81
N THR D 213 -5.16 -24.08 -14.64
CA THR D 213 -5.58 -24.98 -13.58
C THR D 213 -7.08 -25.25 -13.71
N LYS D 214 -7.45 -26.52 -13.72
CA LYS D 214 -8.85 -26.93 -13.75
C LYS D 214 -8.93 -28.24 -12.97
N VAL D 215 -9.35 -28.16 -11.70
CA VAL D 215 -9.32 -29.30 -10.80
C VAL D 215 -10.66 -29.41 -10.07
N ASP D 216 -10.89 -30.61 -9.53
CA ASP D 216 -12.01 -30.89 -8.65
C ASP D 216 -11.49 -31.22 -7.26
N LYS D 217 -12.36 -31.06 -6.26
CA LYS D 217 -12.12 -31.64 -4.94
C LYS D 217 -13.45 -32.14 -4.41
N LYS D 218 -13.61 -33.46 -4.38
CA LYS D 218 -14.79 -34.06 -3.79
C LYS D 218 -14.64 -34.07 -2.28
N ILE D 219 -15.65 -33.57 -1.58
CA ILE D 219 -15.58 -33.43 -0.12
C ILE D 219 -15.98 -34.75 0.52
N GLU D 220 -15.03 -35.37 1.24
CA GLU D 220 -15.27 -36.65 1.87
C GLU D 220 -15.41 -36.47 3.39
N PRO D 221 -16.20 -37.32 4.04
CA PRO D 221 -16.30 -37.25 5.50
C PRO D 221 -14.99 -37.65 6.16
N ARG D 222 -14.71 -37.00 7.28
CA ARG D 222 -13.44 -37.19 7.99
C ARG D 222 -13.45 -38.44 8.85
S SO4 E . 10.95 27.42 22.78
O1 SO4 E . 11.84 27.75 23.88
O2 SO4 E . 10.70 28.60 21.97
O3 SO4 E . 9.69 26.92 23.31
O4 SO4 E . 11.56 26.38 21.96
S SO4 F . 13.62 7.60 -17.91
O1 SO4 F . 14.95 7.80 -17.33
O2 SO4 F . 12.79 8.79 -17.68
O3 SO4 F . 12.99 6.44 -17.28
O4 SO4 F . 13.75 7.37 -19.34
C1 EDO G . 34.83 -16.13 23.64
O1 EDO G . 33.54 -15.99 24.26
C2 EDO G . 34.88 -15.25 22.39
O2 EDO G . 34.84 -13.87 22.77
C1 EDO H . 29.42 6.72 -4.97
O1 EDO H . 29.31 5.99 -3.74
C2 EDO H . 30.21 5.91 -5.99
O2 EDO H . 31.54 5.71 -5.50
S SO4 I . -28.75 -7.84 -13.67
O1 SO4 I . -28.97 -6.43 -13.33
O2 SO4 I . -27.32 -8.10 -13.80
O3 SO4 I . -29.32 -8.68 -12.62
O4 SO4 I . -29.41 -8.13 -14.94
C1 EDO J . -13.13 -13.63 -6.44
O1 EDO J . -12.04 -12.89 -5.84
C2 EDO J . -12.86 -13.79 -7.93
O2 EDO J . -11.67 -14.58 -8.14
#